data_2X40
#
_entry.id   2X40
#
_cell.length_a   74.946
_cell.length_b   127.246
_cell.length_c   175.209
_cell.angle_alpha   90.00
_cell.angle_beta   90.00
_cell.angle_gamma   90.00
#
_symmetry.space_group_name_H-M   'C 2 2 21'
#
loop_
_entity.id
_entity.type
_entity.pdbx_description
1 polymer BETA-GLUCOSIDASE
2 non-polymer 'BROMIDE ION'
3 non-polymer GLYCEROL
4 water water
#
_entity_poly.entity_id   1
_entity_poly.type   'polypeptide(L)'
_entity_poly.pdbx_seq_one_letter_code
;MEKVNEILSQLTLEEKVKLVVGVGLPGLFGNPHSRVAGAAGETHPVPRVGLPAFVLADGPAGLRINPTRENDENTYYTTA
FPVEIMLASTWNRELLEEVGKAMGEEVREYGVDVLLAPAMNIHRNPLCGRNFEYYSEDPVLSGEMASSFVKGVQSQGVGA
CIKHFVANNQETNRMVVDTIVSERALREIYLRGFEIAVKKSKPWSVMSAYNKLNGKYCSQNEWLLKKVLREEWGFEGFVM
SDWYAGDNPVEQLKAGNDLIMPGKAYQVNTERRDEIEEIMEALKEGKLSEEVLDECVRNILKVLVNAPSFKNYRYSNKPD
LEKHAKVAYEAGAEGVVLLRNEEALPLSENSKIALFGTGQIETIKGGTGSGDTHPRYAISILEGIKERGLNFDEELAKTY
EDYIKKMRETEEYKPRRDSWGTIIKPKLPENFLSEKEIHKLAKKNDVAVIVISRISGEGYDRKPVKGDFYLSDDETDLIK
TVSREFHEQGKKVIVLLNIGSPVEVVSWRDLVDGILLVWQAGQETGRIVADVLTGRINPSGKLPTTFPRDYSDVPSWTFP
GEPKDNPQKVVYEEDIYVGYRYYDTFGVEPAYEFGYGLSYTTFEYSDLNVSFDGETLRVQYRIENTGGRAGKEVSQVYIK
APKGKIDKPFQELKAFHKTRLLNPGESEEVVLEIPVRDLASFNGEEWVVEAGEYEVRVGASSRNIKLKGTFSVGEERRFK
P
;
_entity_poly.pdbx_strand_id   A
#
# COMPACT_ATOMS: atom_id res chain seq x y z
N GLU A 2 14.98 -8.00 -32.12
CA GLU A 2 15.95 -7.34 -32.99
C GLU A 2 17.33 -7.31 -32.33
N LYS A 3 17.54 -6.31 -31.48
CA LYS A 3 18.72 -6.28 -30.64
C LYS A 3 18.64 -7.43 -29.65
N VAL A 4 17.44 -7.66 -29.12
CA VAL A 4 17.18 -8.76 -28.20
C VAL A 4 17.51 -10.11 -28.86
N ASN A 5 16.90 -10.34 -30.03
CA ASN A 5 17.12 -11.58 -30.75
C ASN A 5 18.56 -11.70 -31.27
N GLU A 6 19.24 -10.57 -31.35
CA GLU A 6 20.66 -10.56 -31.67
C GLU A 6 21.47 -11.18 -30.54
N ILE A 7 21.36 -10.61 -29.35
CA ILE A 7 22.06 -11.11 -28.18
C ILE A 7 21.73 -12.57 -27.93
N LEU A 8 20.46 -12.91 -28.01
CA LEU A 8 20.00 -14.26 -27.73
C LEU A 8 20.76 -15.31 -28.55
N SER A 9 20.95 -15.03 -29.84
CA SER A 9 21.65 -15.96 -30.73
C SER A 9 23.14 -16.08 -30.38
N GLN A 10 23.64 -15.13 -29.58
CA GLN A 10 25.04 -15.11 -29.18
C GLN A 10 25.29 -15.92 -27.91
N LEU A 11 24.33 -15.87 -26.99
CA LEU A 11 24.49 -16.48 -25.68
C LEU A 11 24.74 -17.98 -25.74
N THR A 12 25.71 -18.43 -24.94
CA THR A 12 25.96 -19.86 -24.76
C THR A 12 24.91 -20.40 -23.80
N LEU A 13 24.81 -21.72 -23.72
CA LEU A 13 23.80 -22.32 -22.86
C LEU A 13 23.96 -21.84 -21.43
N GLU A 14 25.20 -21.81 -20.93
CA GLU A 14 25.43 -21.47 -19.53
C GLU A 14 25.19 -19.99 -19.24
N GLU A 15 25.43 -19.14 -20.23
CA GLU A 15 25.16 -17.71 -20.08
C GLU A 15 23.66 -17.45 -19.97
N LYS A 16 22.87 -18.20 -20.73
CA LYS A 16 21.42 -18.14 -20.66
C LYS A 16 20.95 -18.52 -19.26
N VAL A 17 21.60 -19.53 -18.68
CA VAL A 17 21.25 -19.99 -17.35
C VAL A 17 21.62 -18.95 -16.28
N LYS A 18 22.82 -18.41 -16.37
CA LYS A 18 23.25 -17.35 -15.45
C LYS A 18 22.25 -16.20 -15.44
N LEU A 19 21.78 -15.82 -16.62
CA LEU A 19 20.88 -14.68 -16.78
C LEU A 19 19.54 -14.82 -16.06
N VAL A 20 19.06 -16.05 -15.90
CA VAL A 20 17.76 -16.25 -15.28
C VAL A 20 17.85 -16.46 -13.77
N VAL A 21 19.07 -16.35 -13.24
CA VAL A 21 19.26 -16.45 -11.80
C VAL A 21 19.98 -15.23 -11.26
N GLY A 22 19.52 -14.72 -10.12
CA GLY A 22 20.21 -13.66 -9.44
C GLY A 22 21.59 -14.10 -9.02
N VAL A 23 22.41 -13.14 -8.58
CA VAL A 23 23.79 -13.40 -8.19
C VAL A 23 23.92 -13.59 -6.68
N GLY A 24 22.80 -13.76 -5.99
CA GLY A 24 22.80 -13.91 -4.54
C GLY A 24 22.47 -12.60 -3.88
N LEU A 25 22.11 -12.66 -2.60
CA LEU A 25 21.75 -11.45 -1.86
C LEU A 25 22.99 -10.60 -1.60
N PRO A 26 23.06 -9.42 -2.22
CA PRO A 26 24.28 -8.58 -2.19
C PRO A 26 24.62 -8.11 -0.79
N GLY A 27 25.91 -8.10 -0.46
CA GLY A 27 26.39 -7.59 0.81
C GLY A 27 26.18 -8.49 2.00
N LEU A 28 25.44 -9.58 1.80
CA LEU A 28 25.20 -10.55 2.87
C LEU A 28 25.85 -11.89 2.59
N PHE A 29 26.07 -12.66 3.64
CA PHE A 29 26.77 -13.93 3.50
C PHE A 29 28.09 -13.64 2.79
N GLY A 30 28.53 -14.56 1.94
CA GLY A 30 29.79 -14.34 1.24
C GLY A 30 29.72 -13.28 0.15
N ASN A 31 28.54 -12.69 -0.04
CA ASN A 31 28.26 -11.89 -1.22
C ASN A 31 28.81 -10.46 -1.20
N PRO A 32 29.36 -10.02 -2.34
CA PRO A 32 29.87 -8.65 -2.50
C PRO A 32 28.72 -7.66 -2.59
N HIS A 33 28.91 -6.45 -2.08
CA HIS A 33 27.90 -5.40 -2.23
C HIS A 33 27.66 -5.15 -3.72
N SER A 34 26.41 -4.90 -4.08
CA SER A 34 26.13 -4.45 -5.44
C SER A 34 26.77 -3.08 -5.58
N ARG A 35 27.08 -2.69 -6.81
CA ARG A 35 27.63 -1.37 -7.06
C ARG A 35 26.76 -0.29 -6.45
N VAL A 36 25.49 -0.61 -6.22
CA VAL A 36 24.58 0.25 -5.49
C VAL A 36 24.28 -0.37 -4.11
N ALA A 37 25.23 -0.27 -3.20
CA ALA A 37 25.15 -0.89 -1.87
C ALA A 37 23.77 -0.77 -1.20
N GLY A 38 23.21 -1.91 -0.78
CA GLY A 38 21.91 -1.94 -0.15
C GLY A 38 20.84 -2.46 -1.09
N ALA A 39 21.15 -2.48 -2.38
CA ALA A 39 20.25 -3.01 -3.39
C ALA A 39 19.77 -4.43 -3.05
N ALA A 40 18.55 -4.75 -3.45
CA ALA A 40 17.96 -6.05 -3.15
C ALA A 40 18.59 -7.17 -3.98
N GLY A 41 18.99 -6.87 -5.21
CA GLY A 41 19.67 -7.88 -6.00
C GLY A 41 20.21 -7.40 -7.32
N GLU A 42 21.00 -8.25 -7.96
CA GLU A 42 21.56 -7.96 -9.28
C GLU A 42 21.49 -9.19 -10.17
N THR A 43 21.52 -8.96 -11.47
CA THR A 43 21.57 -10.04 -12.44
C THR A 43 23.03 -10.31 -12.77
N HIS A 44 23.31 -11.46 -13.37
CA HIS A 44 24.66 -11.80 -13.83
C HIS A 44 25.03 -10.99 -15.06
N PRO A 45 26.18 -10.30 -15.02
CA PRO A 45 26.67 -9.61 -16.21
C PRO A 45 27.18 -10.61 -17.24
N VAL A 46 27.16 -10.23 -18.52
CA VAL A 46 27.84 -11.02 -19.55
C VAL A 46 28.62 -10.06 -20.44
N PRO A 47 29.72 -9.50 -19.92
CA PRO A 47 30.52 -8.49 -20.61
C PRO A 47 30.71 -8.82 -22.10
N ARG A 48 30.91 -10.10 -22.41
CA ARG A 48 31.01 -10.55 -23.80
C ARG A 48 30.09 -9.78 -24.73
N VAL A 49 28.81 -10.13 -24.72
CA VAL A 49 27.83 -9.51 -25.62
C VAL A 49 27.37 -8.15 -25.11
N GLY A 50 28.14 -7.57 -24.19
CA GLY A 50 27.83 -6.26 -23.65
C GLY A 50 26.59 -6.26 -22.77
N LEU A 51 26.47 -7.25 -21.91
CA LEU A 51 25.38 -7.24 -20.93
C LEU A 51 25.90 -6.85 -19.55
N PRO A 52 25.31 -5.81 -18.96
CA PRO A 52 25.67 -5.34 -17.63
C PRO A 52 24.85 -6.03 -16.55
N ALA A 53 25.33 -5.96 -15.31
CA ALA A 53 24.54 -6.41 -14.18
C ALA A 53 23.42 -5.41 -13.95
N PHE A 54 22.18 -5.87 -13.98
CA PHE A 54 21.04 -5.01 -13.73
C PHE A 54 20.72 -4.98 -12.24
N VAL A 55 20.30 -3.82 -11.74
CA VAL A 55 20.11 -3.64 -10.30
C VAL A 55 18.64 -3.51 -9.91
N LEU A 56 18.25 -4.28 -8.89
CA LEU A 56 16.90 -4.28 -8.35
C LEU A 56 16.95 -3.75 -6.93
N ALA A 57 16.00 -2.90 -6.56
CA ALA A 57 15.96 -2.37 -5.20
C ALA A 57 14.54 -2.08 -4.71
N ASP A 58 14.32 -2.25 -3.42
CA ASP A 58 13.07 -1.86 -2.77
C ASP A 58 12.98 -0.33 -2.73
N GLY A 59 11.82 0.22 -2.39
CA GLY A 59 10.61 -0.52 -2.08
C GLY A 59 9.45 0.46 -2.07
N PRO A 60 8.26 -0.01 -1.73
CA PRO A 60 7.01 0.77 -1.83
C PRO A 60 7.02 2.16 -1.16
N ALA A 61 7.78 2.35 -0.09
CA ALA A 61 7.75 3.63 0.64
C ALA A 61 8.86 4.60 0.20
N GLY A 62 9.63 4.21 -0.81
CA GLY A 62 10.77 4.98 -1.25
C GLY A 62 11.94 4.06 -1.52
N LEU A 63 12.87 4.52 -2.36
CA LEU A 63 14.08 3.76 -2.65
C LEU A 63 14.79 3.37 -1.35
N ARG A 64 15.01 2.07 -1.17
CA ARG A 64 15.74 1.60 0.00
C ARG A 64 17.16 1.18 -0.38
N ILE A 65 18.12 2.06 -0.10
CA ILE A 65 19.55 1.74 -0.25
C ILE A 65 20.35 2.25 0.94
N ASN A 66 21.60 1.80 1.07
CA ASN A 66 22.46 2.25 2.14
C ASN A 66 22.82 3.72 1.97
N PRO A 67 22.58 4.53 3.00
CA PRO A 67 22.90 5.96 2.95
C PRO A 67 24.40 6.17 2.81
N THR A 68 25.17 5.47 3.63
CA THR A 68 26.62 5.58 3.59
C THR A 68 27.25 4.38 2.90
N ARG A 69 28.46 4.57 2.39
CA ARG A 69 29.23 3.48 1.81
C ARG A 69 30.63 3.48 2.40
N GLU A 70 31.13 2.29 2.71
CA GLU A 70 32.46 2.16 3.30
C GLU A 70 33.51 2.78 2.39
N ASN A 71 34.46 3.49 2.99
CA ASN A 71 35.48 4.21 2.23
C ASN A 71 34.88 5.20 1.25
N ASP A 72 33.88 5.95 1.71
CA ASP A 72 33.17 6.89 0.84
C ASP A 72 32.80 8.17 1.59
N GLU A 73 33.14 9.30 1.00
CA GLU A 73 32.84 10.60 1.59
C GLU A 73 31.42 11.02 1.24
N ASN A 74 30.84 10.34 0.25
CA ASN A 74 29.54 10.73 -0.29
C ASN A 74 28.33 10.19 0.45
N THR A 75 27.17 10.75 0.11
CA THR A 75 25.92 10.42 0.77
C THR A 75 24.90 9.89 -0.25
N TYR A 76 24.01 9.04 0.22
CA TYR A 76 23.03 8.39 -0.66
C TYR A 76 21.66 8.29 -0.01
N TYR A 77 21.18 9.39 0.56
CA TYR A 77 19.89 9.42 1.24
C TYR A 77 18.73 9.42 0.24
N THR A 78 17.59 8.94 0.71
CA THR A 78 16.42 8.77 -0.12
C THR A 78 15.23 9.47 0.52
N THR A 79 14.24 9.84 -0.29
CA THR A 79 12.98 10.37 0.22
C THR A 79 12.10 9.23 0.76
N ALA A 80 11.72 9.33 2.03
CA ALA A 80 10.82 8.35 2.64
C ALA A 80 9.38 8.86 2.58
N PHE A 81 8.62 8.30 1.64
CA PHE A 81 7.24 8.72 1.40
C PHE A 81 6.27 8.11 2.40
N PRO A 82 5.07 8.69 2.50
CA PRO A 82 4.00 8.06 3.27
C PRO A 82 3.83 6.62 2.81
N VAL A 83 3.30 5.77 3.68
CA VAL A 83 3.01 4.38 3.35
C VAL A 83 1.84 4.26 2.36
N GLU A 84 1.81 3.15 1.62
CA GLU A 84 0.83 2.94 0.56
C GLU A 84 -0.62 3.09 1.00
N ILE A 85 -0.94 2.61 2.21
CA ILE A 85 -2.32 2.75 2.67
C ILE A 85 -2.70 4.22 2.80
N MET A 86 -1.70 5.07 3.06
CA MET A 86 -1.95 6.50 3.15
C MET A 86 -2.00 7.12 1.75
N LEU A 87 -1.11 6.69 0.88
CA LEU A 87 -1.17 7.10 -0.51
C LEU A 87 -2.55 6.76 -1.08
N ALA A 88 -3.03 5.56 -0.78
CA ALA A 88 -4.34 5.14 -1.27
C ALA A 88 -5.43 6.05 -0.72
N SER A 89 -5.27 6.48 0.52
CA SER A 89 -6.26 7.36 1.16
C SER A 89 -6.42 8.70 0.44
N THR A 90 -5.46 9.04 -0.43
CA THR A 90 -5.57 10.27 -1.20
C THR A 90 -6.66 10.14 -2.24
N TRP A 91 -6.88 8.91 -2.71
CA TRP A 91 -7.78 8.63 -3.82
C TRP A 91 -7.42 9.51 -5.04
N ASN A 92 -6.13 9.82 -5.17
CA ASN A 92 -5.68 10.78 -6.20
C ASN A 92 -4.67 10.17 -7.17
N ARG A 93 -5.15 9.79 -8.34
CA ARG A 93 -4.30 9.18 -9.37
C ARG A 93 -3.13 10.09 -9.75
N GLU A 94 -3.47 11.35 -10.04
CA GLU A 94 -2.49 12.33 -10.48
C GLU A 94 -1.35 12.42 -9.47
N LEU A 95 -1.71 12.53 -8.20
CA LEU A 95 -0.73 12.58 -7.12
C LEU A 95 0.11 11.31 -7.06
N LEU A 96 -0.53 10.15 -7.24
CA LEU A 96 0.21 8.89 -7.21
C LEU A 96 1.22 8.89 -8.35
N GLU A 97 0.82 9.42 -9.50
CA GLU A 97 1.73 9.51 -10.63
C GLU A 97 2.93 10.41 -10.28
N GLU A 98 2.66 11.54 -9.62
CA GLU A 98 3.72 12.41 -9.13
C GLU A 98 4.66 11.69 -8.16
N VAL A 99 4.09 10.92 -7.22
CA VAL A 99 4.93 10.18 -6.27
C VAL A 99 5.84 9.23 -7.03
N GLY A 100 5.29 8.63 -8.09
CA GLY A 100 6.02 7.67 -8.89
C GLY A 100 7.19 8.30 -9.63
N LYS A 101 7.00 9.53 -10.12
CA LYS A 101 8.04 10.25 -10.85
C LYS A 101 9.20 10.63 -9.92
N ALA A 102 8.87 11.11 -8.74
CA ALA A 102 9.87 11.47 -7.75
C ALA A 102 10.70 10.25 -7.33
N MET A 103 10.04 9.16 -6.98
CA MET A 103 10.74 7.94 -6.64
C MET A 103 11.55 7.49 -7.85
N GLY A 104 10.93 7.59 -9.01
CA GLY A 104 11.55 7.21 -10.27
C GLY A 104 12.87 7.93 -10.54
N GLU A 105 12.88 9.25 -10.34
CA GLU A 105 14.11 10.02 -10.56
C GLU A 105 15.22 9.52 -9.64
N GLU A 106 14.89 9.33 -8.36
CA GLU A 106 15.86 8.83 -7.40
C GLU A 106 16.40 7.48 -7.84
N VAL A 107 15.50 6.58 -8.22
CA VAL A 107 15.90 5.26 -8.67
C VAL A 107 16.88 5.35 -9.82
N ARG A 108 16.56 6.19 -10.80
CA ARG A 108 17.44 6.35 -11.95
C ARG A 108 18.81 6.89 -11.56
N GLU A 109 18.82 7.98 -10.80
CA GLU A 109 20.07 8.66 -10.50
C GLU A 109 20.99 7.91 -9.52
N TYR A 110 20.48 6.92 -8.81
CA TYR A 110 21.33 6.12 -7.95
C TYR A 110 21.79 4.83 -8.61
N GLY A 111 21.51 4.69 -9.90
CA GLY A 111 22.00 3.57 -10.68
C GLY A 111 21.17 2.31 -10.55
N VAL A 112 19.92 2.44 -10.13
CA VAL A 112 19.01 1.32 -10.03
C VAL A 112 18.15 1.17 -11.29
N ASP A 113 17.92 -0.06 -11.71
CA ASP A 113 17.21 -0.33 -12.96
C ASP A 113 15.74 -0.67 -12.75
N VAL A 114 15.45 -1.40 -11.68
CA VAL A 114 14.07 -1.78 -11.40
C VAL A 114 13.72 -1.55 -9.94
N LEU A 115 12.70 -0.74 -9.72
CA LEU A 115 12.18 -0.49 -8.38
C LEU A 115 11.13 -1.56 -8.04
N LEU A 116 11.27 -2.17 -6.86
CA LEU A 116 10.33 -3.19 -6.39
C LEU A 116 9.13 -2.55 -5.69
N ALA A 117 8.23 -2.02 -6.52
CA ALA A 117 7.04 -1.33 -6.04
C ALA A 117 6.19 -1.07 -7.28
N PRO A 118 4.87 -0.91 -7.10
CA PRO A 118 4.18 -0.93 -5.80
C PRO A 118 3.74 -2.33 -5.38
N ALA A 119 3.53 -2.51 -4.08
CA ALA A 119 2.86 -3.70 -3.57
C ALA A 119 1.37 -3.41 -3.63
N MET A 120 0.56 -4.39 -4.03
CA MET A 120 -0.85 -4.09 -4.25
C MET A 120 -1.78 -5.25 -3.91
N ASN A 121 -1.37 -6.06 -2.94
CA ASN A 121 -2.24 -7.11 -2.44
C ASN A 121 -3.47 -6.51 -1.76
N ILE A 122 -4.57 -7.25 -1.82
CA ILE A 122 -5.82 -6.79 -1.22
C ILE A 122 -5.79 -6.83 0.31
N HIS A 123 -6.44 -5.86 0.94
CA HIS A 123 -6.64 -5.90 2.38
C HIS A 123 -7.75 -6.86 2.73
N ARG A 124 -7.43 -8.15 2.80
CA ARG A 124 -8.42 -9.16 3.12
C ARG A 124 -8.81 -9.03 4.60
N ASN A 125 -7.79 -8.83 5.43
CA ASN A 125 -7.96 -8.81 6.87
C ASN A 125 -7.03 -7.74 7.50
N PRO A 126 -7.57 -6.95 8.44
CA PRO A 126 -6.80 -5.85 9.07
C PRO A 126 -5.51 -6.30 9.74
N LEU A 127 -5.47 -7.56 10.20
CA LEU A 127 -4.32 -8.04 10.96
C LEU A 127 -3.07 -8.28 10.12
N CYS A 128 -3.21 -8.27 8.80
CA CYS A 128 -2.06 -8.56 7.96
C CYS A 128 -0.92 -7.55 8.18
N GLY A 129 0.25 -8.10 8.48
CA GLY A 129 1.40 -7.29 8.83
C GLY A 129 1.83 -6.27 7.78
N ARG A 130 1.47 -6.50 6.53
CA ARG A 130 1.94 -5.62 5.46
C ARG A 130 0.84 -4.76 4.85
N ASN A 131 -0.33 -4.74 5.48
CA ASN A 131 -1.43 -3.91 5.00
C ASN A 131 -1.00 -2.46 4.79
N PHE A 132 -0.11 -1.97 5.65
CA PHE A 132 0.36 -0.58 5.56
C PHE A 132 0.99 -0.27 4.18
N GLU A 133 1.66 -1.25 3.56
CA GLU A 133 2.24 -1.04 2.23
C GLU A 133 1.40 -1.60 1.08
N TYR A 134 0.12 -1.82 1.34
CA TYR A 134 -0.83 -2.15 0.29
C TYR A 134 -1.82 -1.00 0.21
N TYR A 135 -2.53 -0.90 -0.91
CA TYR A 135 -3.46 0.20 -1.12
C TYR A 135 -4.80 0.00 -0.42
N SER A 136 -5.54 -1.04 -0.83
CA SER A 136 -6.97 -1.08 -0.53
C SER A 136 -7.54 -2.50 -0.40
N GLU A 137 -8.76 -2.57 0.12
CA GLU A 137 -9.52 -3.82 0.11
C GLU A 137 -10.30 -3.93 -1.19
N ASP A 138 -10.23 -2.88 -2.00
CA ASP A 138 -10.95 -2.85 -3.27
C ASP A 138 -9.98 -2.90 -4.46
N PRO A 139 -10.31 -3.72 -5.47
CA PRO A 139 -9.42 -3.94 -6.62
C PRO A 139 -9.39 -2.74 -7.57
N VAL A 140 -10.48 -2.01 -7.69
CA VAL A 140 -10.49 -0.83 -8.54
C VAL A 140 -9.60 0.27 -7.94
N LEU A 141 -9.81 0.57 -6.67
CA LEU A 141 -8.98 1.57 -6.00
C LEU A 141 -7.51 1.16 -6.03
N SER A 142 -7.24 -0.09 -5.70
CA SER A 142 -5.87 -0.59 -5.69
C SER A 142 -5.23 -0.60 -7.08
N GLY A 143 -5.97 -1.09 -8.07
CA GLY A 143 -5.46 -1.20 -9.41
C GLY A 143 -5.24 0.17 -10.02
N GLU A 144 -6.18 1.08 -9.79
CA GLU A 144 -6.05 2.43 -10.31
C GLU A 144 -4.84 3.15 -9.69
N MET A 145 -4.71 3.06 -8.37
CA MET A 145 -3.56 3.64 -7.68
C MET A 145 -2.24 3.07 -8.20
N ALA A 146 -2.16 1.76 -8.34
CA ALA A 146 -0.92 1.13 -8.81
C ALA A 146 -0.58 1.58 -10.22
N SER A 147 -1.57 1.62 -11.10
CA SER A 147 -1.39 2.07 -12.48
C SER A 147 -0.78 3.48 -12.53
N SER A 148 -1.37 4.38 -11.76
CA SER A 148 -0.89 5.77 -11.70
C SER A 148 0.54 5.82 -11.17
N PHE A 149 0.83 5.05 -10.14
CA PHE A 149 2.19 5.00 -9.60
C PHE A 149 3.18 4.45 -10.64
N VAL A 150 2.82 3.35 -11.31
CA VAL A 150 3.68 2.75 -12.32
C VAL A 150 3.98 3.66 -13.52
N LYS A 151 2.95 4.37 -14.02
CA LYS A 151 3.17 5.32 -15.11
C LYS A 151 4.20 6.35 -14.67
N GLY A 152 4.07 6.82 -13.43
CA GLY A 152 4.99 7.79 -12.87
C GLY A 152 6.42 7.29 -12.84
N VAL A 153 6.64 6.14 -12.20
CA VAL A 153 7.96 5.54 -12.10
C VAL A 153 8.61 5.35 -13.49
N GLN A 154 7.83 4.84 -14.42
CA GLN A 154 8.38 4.44 -15.71
C GLN A 154 8.45 5.57 -16.73
N SER A 155 8.05 6.77 -16.34
CA SER A 155 8.26 7.93 -17.18
C SER A 155 9.71 8.36 -17.05
N GLN A 156 10.41 7.71 -16.12
CA GLN A 156 11.76 8.10 -15.72
C GLN A 156 12.84 7.16 -16.24
N GLY A 157 12.47 6.29 -17.18
CA GLY A 157 13.42 5.37 -17.78
C GLY A 157 13.82 4.19 -16.92
N VAL A 158 13.09 3.97 -15.82
CA VAL A 158 13.34 2.81 -14.97
C VAL A 158 12.10 1.93 -14.86
N GLY A 159 12.26 0.74 -14.28
CA GLY A 159 11.17 -0.21 -14.22
C GLY A 159 10.43 -0.26 -12.91
N ALA A 160 9.12 -0.45 -12.99
CA ALA A 160 8.33 -0.74 -11.81
C ALA A 160 8.10 -2.24 -11.73
N CYS A 161 7.90 -2.75 -10.52
CA CYS A 161 7.57 -4.17 -10.34
C CYS A 161 6.37 -4.32 -9.41
N ILE A 162 5.22 -4.68 -9.98
CA ILE A 162 4.03 -4.88 -9.17
C ILE A 162 4.08 -6.24 -8.46
N LYS A 163 3.63 -6.26 -7.21
CA LYS A 163 3.78 -7.42 -6.33
C LYS A 163 2.68 -7.39 -5.25
N HIS A 164 2.42 -8.53 -4.60
CA HIS A 164 3.00 -9.83 -4.92
C HIS A 164 1.91 -10.73 -5.53
N PHE A 165 2.21 -11.31 -6.68
CA PHE A 165 1.24 -12.00 -7.51
C PHE A 165 1.23 -13.50 -7.16
N VAL A 166 0.19 -14.00 -6.47
CA VAL A 166 -0.98 -13.24 -6.03
C VAL A 166 -1.50 -13.79 -4.70
N ALA A 167 -2.43 -13.06 -4.08
CA ALA A 167 -3.07 -13.48 -2.84
C ALA A 167 -2.10 -13.70 -1.68
N ASN A 168 -1.11 -12.83 -1.58
CA ASN A 168 -0.21 -12.77 -0.45
C ASN A 168 -0.84 -11.87 0.61
N ASN A 169 -1.89 -12.35 1.26
CA ASN A 169 -2.68 -11.51 2.15
C ASN A 169 -2.45 -11.76 3.64
N GLN A 170 -1.40 -12.50 3.96
CA GLN A 170 -0.99 -12.66 5.35
C GLN A 170 0.48 -12.97 5.41
N GLU A 171 1.11 -12.62 6.53
CA GLU A 171 2.53 -12.89 6.70
C GLU A 171 2.78 -14.27 7.31
N THR A 172 1.85 -14.73 8.14
CA THR A 172 2.02 -16.01 8.84
C THR A 172 2.32 -17.16 7.85
N ASN A 173 3.48 -17.77 7.98
CA ASN A 173 3.85 -18.91 7.15
C ASN A 173 3.69 -18.65 5.65
N ARG A 174 3.92 -17.41 5.23
CA ARG A 174 3.70 -17.02 3.84
C ARG A 174 4.48 -17.87 2.83
N MET A 175 5.63 -18.39 3.25
CA MET A 175 6.49 -19.14 2.33
C MET A 175 6.04 -20.59 2.12
N VAL A 176 5.08 -21.04 2.92
CA VAL A 176 4.57 -22.40 2.80
C VAL A 176 3.06 -22.50 2.64
N VAL A 177 2.32 -21.57 3.26
CA VAL A 177 0.88 -21.69 3.36
C VAL A 177 0.19 -21.88 2.00
N ASP A 178 -0.81 -22.76 1.96
CA ASP A 178 -1.59 -23.00 0.74
C ASP A 178 -2.86 -22.17 0.82
N THR A 179 -3.03 -21.27 -0.14
CA THR A 179 -4.14 -20.34 -0.12
C THR A 179 -5.23 -20.87 -1.03
N ILE A 180 -6.38 -21.19 -0.44
CA ILE A 180 -7.46 -21.82 -1.15
C ILE A 180 -8.50 -20.77 -1.50
N VAL A 181 -8.64 -20.51 -2.80
CA VAL A 181 -9.48 -19.42 -3.28
C VAL A 181 -10.25 -19.86 -4.50
N SER A 182 -11.54 -19.57 -4.52
CA SER A 182 -12.35 -19.89 -5.68
C SER A 182 -11.84 -19.08 -6.86
N GLU A 183 -12.02 -19.60 -8.06
CA GLU A 183 -11.65 -18.85 -9.23
C GLU A 183 -12.42 -17.52 -9.31
N ARG A 184 -13.68 -17.52 -8.85
CA ARG A 184 -14.48 -16.29 -8.85
C ARG A 184 -13.89 -15.19 -7.98
N ALA A 185 -13.50 -15.53 -6.76
CA ALA A 185 -12.89 -14.52 -5.87
C ALA A 185 -11.57 -14.04 -6.47
N LEU A 186 -10.84 -14.95 -7.07
CA LEU A 186 -9.58 -14.61 -7.69
C LEU A 186 -9.81 -13.53 -8.72
N ARG A 187 -10.68 -13.82 -9.68
CA ARG A 187 -10.89 -12.91 -10.80
C ARG A 187 -11.59 -11.60 -10.44
N GLU A 188 -12.45 -11.63 -9.42
CA GLU A 188 -13.20 -10.43 -9.05
C GLU A 188 -12.47 -9.55 -8.04
N ILE A 189 -11.64 -10.16 -7.19
CA ILE A 189 -11.04 -9.43 -6.07
C ILE A 189 -9.51 -9.38 -6.07
N TYR A 190 -8.88 -10.54 -6.14
CA TYR A 190 -7.43 -10.62 -5.93
C TYR A 190 -6.59 -10.41 -7.18
N LEU A 191 -7.01 -11.02 -8.28
CA LEU A 191 -6.32 -10.81 -9.55
C LEU A 191 -6.72 -9.46 -10.13
N ARG A 192 -7.94 -9.04 -9.79
CA ARG A 192 -8.58 -7.92 -10.48
C ARG A 192 -7.76 -6.64 -10.47
N GLY A 193 -7.16 -6.31 -9.33
CA GLY A 193 -6.31 -5.14 -9.22
C GLY A 193 -5.12 -5.25 -10.14
N PHE A 194 -4.46 -6.42 -10.09
CA PHE A 194 -3.29 -6.68 -10.92
C PHE A 194 -3.65 -6.60 -12.41
N GLU A 195 -4.83 -7.09 -12.74
CA GLU A 195 -5.29 -7.05 -14.12
C GLU A 195 -5.35 -5.60 -14.59
N ILE A 196 -5.93 -4.74 -13.75
CA ILE A 196 -6.06 -3.34 -14.10
C ILE A 196 -4.68 -2.70 -14.29
N ALA A 197 -3.76 -2.98 -13.37
CA ALA A 197 -2.43 -2.38 -13.45
C ALA A 197 -1.66 -2.86 -14.67
N VAL A 198 -1.76 -4.16 -14.95
CA VAL A 198 -1.07 -4.74 -16.08
C VAL A 198 -1.54 -4.14 -17.41
N LYS A 199 -2.86 -3.92 -17.53
CA LYS A 199 -3.42 -3.48 -18.79
C LYS A 199 -3.34 -1.96 -18.97
N LYS A 200 -3.40 -1.21 -17.87
CA LYS A 200 -3.38 0.24 -17.95
C LYS A 200 -1.98 0.88 -17.88
N SER A 201 -1.02 0.21 -17.25
CA SER A 201 0.29 0.84 -17.01
C SER A 201 1.48 0.03 -17.52
N LYS A 202 1.26 -1.23 -17.83
CA LYS A 202 2.31 -2.06 -18.43
C LYS A 202 3.61 -2.03 -17.62
N PRO A 203 3.57 -2.55 -16.39
CA PRO A 203 4.81 -2.59 -15.59
C PRO A 203 5.85 -3.44 -16.29
N TRP A 204 7.12 -3.05 -16.17
CA TRP A 204 8.21 -3.86 -16.70
C TRP A 204 8.18 -5.29 -16.17
N SER A 205 7.73 -5.45 -14.94
CA SER A 205 7.88 -6.73 -14.27
C SER A 205 6.84 -7.00 -13.21
N VAL A 206 6.69 -8.27 -12.87
CA VAL A 206 5.77 -8.72 -11.85
C VAL A 206 6.53 -9.62 -10.91
N MET A 207 6.24 -9.53 -9.61
CA MET A 207 6.87 -10.41 -8.64
C MET A 207 5.88 -11.43 -8.11
N SER A 208 6.15 -12.69 -8.38
CA SER A 208 5.31 -13.77 -7.91
C SER A 208 5.39 -13.94 -6.38
N ALA A 209 4.23 -14.16 -5.76
CA ALA A 209 4.11 -14.27 -4.30
C ALA A 209 4.82 -15.50 -3.71
N TYR A 210 5.07 -15.48 -2.40
CA TYR A 210 5.70 -16.60 -1.69
C TYR A 210 4.76 -17.78 -1.57
N ASN A 211 3.51 -17.48 -1.25
CA ASN A 211 2.53 -18.50 -0.91
C ASN A 211 2.15 -19.39 -2.08
N LYS A 212 1.56 -20.54 -1.75
CA LYS A 212 0.94 -21.39 -2.75
C LYS A 212 -0.46 -20.87 -3.05
N LEU A 213 -0.90 -21.08 -4.27
CA LEU A 213 -2.28 -20.79 -4.66
C LEU A 213 -2.95 -22.07 -5.16
N ASN A 214 -3.92 -22.55 -4.41
CA ASN A 214 -4.66 -23.76 -4.81
C ASN A 214 -3.74 -24.94 -5.10
N GLY A 215 -2.67 -25.06 -4.31
CA GLY A 215 -1.80 -26.22 -4.39
C GLY A 215 -0.43 -25.98 -5.00
N LYS A 216 -0.25 -24.82 -5.63
CA LYS A 216 0.99 -24.52 -6.35
C LYS A 216 1.60 -23.19 -5.92
N TYR A 217 2.87 -23.21 -5.54
CA TYR A 217 3.60 -21.96 -5.35
C TYR A 217 3.30 -21.02 -6.51
N CYS A 218 3.07 -19.75 -6.22
CA CYS A 218 2.77 -18.77 -7.26
C CYS A 218 3.93 -18.63 -8.23
N SER A 219 5.15 -18.78 -7.72
CA SER A 219 6.34 -18.70 -8.57
C SER A 219 6.48 -19.94 -9.44
N GLN A 220 5.61 -20.92 -9.22
CA GLN A 220 5.65 -22.17 -9.98
C GLN A 220 4.28 -22.48 -10.56
N ASN A 221 3.40 -21.47 -10.57
CA ASN A 221 2.02 -21.67 -11.00
C ASN A 221 1.79 -21.25 -12.46
N GLU A 222 1.76 -22.24 -13.34
CA GLU A 222 1.63 -21.97 -14.78
C GLU A 222 0.30 -21.29 -15.13
N TRP A 223 -0.77 -21.71 -14.47
CA TRP A 223 -2.08 -21.10 -14.68
C TRP A 223 -2.02 -19.59 -14.42
N LEU A 224 -1.28 -19.22 -13.38
CA LEU A 224 -1.18 -17.83 -12.95
C LEU A 224 -0.21 -17.02 -13.81
N LEU A 225 1.00 -17.53 -13.99
CA LEU A 225 2.06 -16.78 -14.64
C LEU A 225 2.01 -16.80 -16.17
N LYS A 226 1.48 -17.87 -16.74
CA LYS A 226 1.34 -17.96 -18.19
C LYS A 226 -0.10 -17.75 -18.68
N LYS A 227 -1.00 -18.65 -18.28
CA LYS A 227 -2.38 -18.59 -18.75
C LYS A 227 -3.09 -17.26 -18.43
N VAL A 228 -3.03 -16.85 -17.17
CA VAL A 228 -3.69 -15.61 -16.77
C VAL A 228 -2.87 -14.41 -17.18
N LEU A 229 -1.65 -14.33 -16.64
CA LEU A 229 -0.78 -13.18 -16.85
C LEU A 229 -0.58 -12.87 -18.35
N ARG A 230 -0.08 -13.86 -19.09
CA ARG A 230 0.27 -13.65 -20.49
C ARG A 230 -0.86 -13.91 -21.47
N GLU A 231 -1.34 -15.14 -21.55
CA GLU A 231 -2.27 -15.53 -22.60
C GLU A 231 -3.59 -14.77 -22.53
N GLU A 232 -4.04 -14.46 -21.33
CA GLU A 232 -5.27 -13.69 -21.19
C GLU A 232 -5.01 -12.19 -21.18
N TRP A 233 -4.13 -11.73 -20.30
CA TRP A 233 -3.94 -10.30 -20.04
C TRP A 233 -3.00 -9.61 -21.03
N GLY A 234 -2.10 -10.39 -21.64
CA GLY A 234 -1.16 -9.86 -22.61
C GLY A 234 0.03 -9.15 -21.99
N PHE A 235 0.50 -9.66 -20.85
CA PHE A 235 1.70 -9.12 -20.19
C PHE A 235 2.94 -9.33 -21.07
N GLU A 236 3.76 -8.30 -21.20
CA GLU A 236 4.93 -8.38 -22.07
C GLU A 236 6.23 -8.06 -21.35
N GLY A 237 6.18 -8.03 -20.01
CA GLY A 237 7.38 -7.90 -19.23
C GLY A 237 7.84 -9.27 -18.79
N PHE A 238 8.68 -9.33 -17.77
CA PHE A 238 9.07 -10.60 -17.18
C PHE A 238 8.57 -10.71 -15.75
N VAL A 239 8.60 -11.94 -15.24
CA VAL A 239 8.23 -12.21 -13.87
C VAL A 239 9.46 -12.61 -13.09
N MET A 240 9.61 -12.06 -11.89
CA MET A 240 10.69 -12.48 -11.02
C MET A 240 10.05 -13.10 -9.80
N SER A 241 10.78 -13.98 -9.12
CA SER A 241 10.29 -14.58 -7.89
C SER A 241 10.54 -13.64 -6.73
N ASP A 242 9.70 -13.73 -5.70
CA ASP A 242 10.00 -13.06 -4.44
C ASP A 242 11.29 -13.69 -3.91
N TRP A 243 11.90 -13.06 -2.92
CA TRP A 243 13.22 -13.46 -2.45
C TRP A 243 13.23 -14.85 -1.81
N TYR A 244 13.82 -15.82 -2.52
CA TYR A 244 13.96 -17.19 -2.04
C TYR A 244 12.66 -18.02 -2.11
N ALA A 245 11.67 -17.49 -2.81
CA ALA A 245 10.38 -18.15 -2.91
C ALA A 245 10.44 -19.48 -3.68
N GLY A 246 9.41 -20.29 -3.54
CA GLY A 246 9.32 -21.56 -4.24
C GLY A 246 10.24 -22.63 -3.68
N ASP A 247 10.35 -23.75 -4.40
CA ASP A 247 11.22 -24.84 -3.97
C ASP A 247 11.82 -25.60 -5.15
N ASN A 248 11.62 -25.09 -6.37
CA ASN A 248 12.14 -25.75 -7.56
C ASN A 248 12.34 -24.77 -8.71
N PRO A 249 13.61 -24.48 -9.02
CA PRO A 249 14.03 -23.47 -10.00
C PRO A 249 13.52 -23.77 -11.41
N VAL A 250 13.56 -25.03 -11.82
CA VAL A 250 13.15 -25.39 -13.17
C VAL A 250 11.63 -25.33 -13.32
N GLU A 251 10.92 -25.70 -12.26
CA GLU A 251 9.47 -25.56 -12.22
C GLU A 251 9.07 -24.09 -12.29
N GLN A 252 9.93 -23.24 -11.73
CA GLN A 252 9.70 -21.80 -11.81
C GLN A 252 9.78 -21.30 -13.25
N LEU A 253 10.81 -21.73 -13.98
CA LEU A 253 10.98 -21.36 -15.38
C LEU A 253 9.91 -21.95 -16.30
N LYS A 254 9.45 -23.16 -15.99
CA LYS A 254 8.40 -23.78 -16.79
C LYS A 254 7.07 -23.05 -16.62
N ALA A 255 6.89 -22.43 -15.46
CA ALA A 255 5.60 -21.80 -15.15
C ALA A 255 5.51 -20.38 -15.71
N GLY A 256 6.65 -19.82 -16.09
CA GLY A 256 6.68 -18.48 -16.64
C GLY A 256 7.29 -17.47 -15.68
N ASN A 257 7.89 -17.98 -14.61
CA ASN A 257 8.70 -17.15 -13.73
C ASN A 257 10.11 -17.06 -14.30
N ASP A 258 10.41 -15.94 -14.95
CA ASP A 258 11.63 -15.81 -15.75
C ASP A 258 12.91 -15.62 -14.94
N LEU A 259 12.86 -14.76 -13.93
CA LEU A 259 14.06 -14.39 -13.18
C LEU A 259 13.95 -14.89 -11.73
N ILE A 260 14.86 -15.80 -11.35
CA ILE A 260 14.89 -16.35 -10.00
C ILE A 260 15.73 -15.46 -9.09
N MET A 261 15.13 -15.00 -7.99
CA MET A 261 15.82 -14.06 -7.08
C MET A 261 15.76 -14.51 -5.63
N PRO A 262 16.81 -14.17 -4.86
CA PRO A 262 17.93 -13.36 -5.33
C PRO A 262 19.08 -14.21 -5.86
N GLY A 263 18.90 -15.53 -5.89
CA GLY A 263 19.97 -16.42 -6.27
C GLY A 263 20.68 -16.96 -5.05
N LYS A 264 21.44 -18.03 -5.24
CA LYS A 264 22.17 -18.69 -4.15
C LYS A 264 21.27 -18.97 -2.93
N ALA A 265 20.10 -19.55 -3.20
CA ALA A 265 19.14 -19.89 -2.15
C ALA A 265 19.72 -20.84 -1.10
N TYR A 266 20.80 -21.53 -1.46
CA TYR A 266 21.43 -22.46 -0.52
C TYR A 266 22.02 -21.74 0.67
N GLN A 267 22.05 -20.41 0.62
CA GLN A 267 22.66 -19.60 1.66
C GLN A 267 21.75 -19.34 2.87
N VAL A 268 20.45 -19.61 2.71
CA VAL A 268 19.50 -19.45 3.81
C VAL A 268 18.72 -20.73 4.08
N ASN A 269 18.83 -21.68 3.17
CA ASN A 269 18.13 -22.95 3.32
C ASN A 269 19.07 -24.11 2.98
N THR A 270 19.51 -24.79 4.03
CA THR A 270 20.48 -25.87 3.89
C THR A 270 20.04 -26.91 2.87
N GLU A 271 18.74 -26.95 2.57
CA GLU A 271 18.17 -27.96 1.71
C GLU A 271 18.25 -27.65 0.21
N ARG A 272 18.23 -26.36 -0.14
CA ARG A 272 18.23 -25.97 -1.55
C ARG A 272 19.60 -26.19 -2.21
N ARG A 273 19.57 -26.51 -3.50
CA ARG A 273 20.78 -26.58 -4.31
C ARG A 273 21.03 -25.23 -4.97
N ASP A 274 22.27 -25.00 -5.40
CA ASP A 274 22.57 -23.84 -6.21
C ASP A 274 21.69 -23.93 -7.45
N GLU A 275 20.91 -22.89 -7.69
CA GLU A 275 19.93 -22.89 -8.77
C GLU A 275 20.54 -23.03 -10.17
N ILE A 276 21.73 -22.49 -10.40
CA ILE A 276 22.40 -22.66 -11.69
C ILE A 276 22.79 -24.12 -11.94
N GLU A 277 23.39 -24.77 -10.93
CA GLU A 277 23.71 -26.19 -11.01
C GLU A 277 22.47 -27.00 -11.38
N GLU A 278 21.39 -26.76 -10.67
CA GLU A 278 20.18 -27.55 -10.85
C GLU A 278 19.57 -27.36 -12.24
N ILE A 279 19.54 -26.12 -12.72
CA ILE A 279 19.02 -25.83 -14.05
C ILE A 279 19.89 -26.44 -15.16
N MET A 280 21.21 -26.26 -15.06
CA MET A 280 22.13 -26.84 -16.02
C MET A 280 21.88 -28.34 -16.12
N GLU A 281 21.63 -28.97 -14.97
CA GLU A 281 21.38 -30.39 -14.90
C GLU A 281 20.10 -30.79 -15.63
N ALA A 282 19.05 -29.99 -15.45
CA ALA A 282 17.75 -30.28 -16.04
C ALA A 282 17.75 -30.14 -17.56
N LEU A 283 18.51 -29.18 -18.08
CA LEU A 283 18.67 -29.03 -19.51
C LEU A 283 19.45 -30.23 -20.02
N LYS A 284 20.47 -30.60 -19.25
CA LYS A 284 21.31 -31.73 -19.57
C LYS A 284 20.51 -33.03 -19.66
N GLU A 285 19.45 -33.11 -18.86
CA GLU A 285 18.68 -34.35 -18.75
C GLU A 285 17.35 -34.29 -19.48
N GLY A 286 17.05 -33.14 -20.07
CA GLY A 286 15.82 -32.97 -20.81
C GLY A 286 14.62 -32.80 -19.91
N LYS A 287 14.86 -32.38 -18.66
CA LYS A 287 13.78 -31.99 -17.77
C LYS A 287 13.34 -30.58 -18.14
N LEU A 288 14.28 -29.81 -18.69
CA LEU A 288 14.00 -28.47 -19.19
C LEU A 288 14.58 -28.32 -20.58
N SER A 289 13.78 -27.83 -21.51
CA SER A 289 14.23 -27.59 -22.88
C SER A 289 14.85 -26.21 -23.04
N GLU A 290 15.81 -26.09 -23.96
CA GLU A 290 16.46 -24.81 -24.23
C GLU A 290 15.45 -23.81 -24.78
N GLU A 291 14.39 -24.30 -25.40
CA GLU A 291 13.36 -23.41 -25.94
C GLU A 291 12.67 -22.63 -24.83
N VAL A 292 12.29 -23.32 -23.75
CA VAL A 292 11.68 -22.69 -22.59
C VAL A 292 12.65 -21.71 -21.92
N LEU A 293 13.91 -22.12 -21.84
CA LEU A 293 14.93 -21.25 -21.29
C LEU A 293 15.02 -19.98 -22.13
N ASP A 294 15.02 -20.15 -23.45
CA ASP A 294 15.07 -19.02 -24.39
C ASP A 294 13.95 -18.02 -24.16
N GLU A 295 12.72 -18.52 -23.97
CA GLU A 295 11.57 -17.63 -23.78
C GLU A 295 11.70 -16.81 -22.50
N CYS A 296 12.30 -17.40 -21.47
CA CYS A 296 12.55 -16.69 -20.22
C CYS A 296 13.54 -15.56 -20.42
N VAL A 297 14.68 -15.91 -20.99
CA VAL A 297 15.74 -14.94 -21.25
C VAL A 297 15.28 -13.82 -22.16
N ARG A 298 14.48 -14.16 -23.17
CA ARG A 298 13.89 -13.17 -24.05
C ARG A 298 12.99 -12.21 -23.28
N ASN A 299 12.11 -12.74 -22.42
CA ASN A 299 11.23 -11.90 -21.62
C ASN A 299 12.01 -10.89 -20.78
N ILE A 300 13.07 -11.36 -20.13
CA ILE A 300 13.93 -10.48 -19.36
C ILE A 300 14.58 -9.42 -20.26
N LEU A 301 15.21 -9.87 -21.34
CA LEU A 301 15.95 -8.99 -22.23
C LEU A 301 15.06 -7.97 -22.95
N LYS A 302 13.90 -8.41 -23.42
CA LYS A 302 12.97 -7.51 -24.11
C LYS A 302 12.72 -6.28 -23.25
N VAL A 303 12.75 -6.48 -21.94
CA VAL A 303 12.52 -5.39 -21.00
C VAL A 303 13.79 -4.62 -20.69
N LEU A 304 14.81 -5.32 -20.20
CA LEU A 304 15.98 -4.68 -19.62
C LEU A 304 16.94 -4.01 -20.60
N VAL A 305 16.75 -4.23 -21.91
CA VAL A 305 17.55 -3.49 -22.88
C VAL A 305 17.09 -2.03 -22.90
N ASN A 306 15.96 -1.76 -22.25
CA ASN A 306 15.47 -0.40 -22.11
C ASN A 306 15.90 0.22 -20.77
N ALA A 307 16.60 -0.57 -19.95
CA ALA A 307 17.06 -0.07 -18.65
C ALA A 307 18.29 0.81 -18.84
N PRO A 308 18.47 1.78 -17.95
CA PRO A 308 19.61 2.70 -17.96
C PRO A 308 20.95 1.95 -17.92
N SER A 309 21.01 0.86 -17.17
CA SER A 309 22.25 0.11 -17.08
C SER A 309 22.70 -0.39 -18.45
N PHE A 310 21.75 -0.84 -19.24
CA PHE A 310 22.06 -1.39 -20.55
C PHE A 310 22.76 -0.36 -21.43
N LYS A 311 22.33 0.90 -21.31
CA LYS A 311 22.93 1.96 -22.10
C LYS A 311 23.98 2.74 -21.30
N ASN A 312 24.67 2.04 -20.42
CA ASN A 312 25.81 2.57 -19.67
C ASN A 312 25.57 3.95 -19.08
N TYR A 313 24.29 4.24 -18.79
CA TYR A 313 23.89 5.55 -18.30
C TYR A 313 24.67 6.00 -17.09
N ARG A 314 25.29 7.18 -17.21
CA ARG A 314 26.01 7.76 -16.09
C ARG A 314 25.03 8.46 -15.14
N TYR A 315 24.83 7.86 -13.97
CA TYR A 315 23.95 8.45 -12.97
C TYR A 315 24.73 9.36 -12.06
N SER A 316 24.06 10.38 -11.54
CA SER A 316 24.72 11.45 -10.78
C SER A 316 24.91 11.14 -9.30
N ASN A 317 24.16 10.16 -8.78
CA ASN A 317 24.15 9.88 -7.35
C ASN A 317 23.74 11.11 -6.55
N LYS A 318 22.96 11.98 -7.17
CA LYS A 318 22.52 13.22 -6.54
C LYS A 318 21.19 13.70 -7.11
N PRO A 319 20.10 12.97 -6.79
CA PRO A 319 18.76 13.40 -7.19
C PRO A 319 18.35 14.65 -6.42
N ASP A 320 17.23 15.25 -6.82
CA ASP A 320 16.74 16.46 -6.19
C ASP A 320 15.90 16.10 -4.97
N LEU A 321 16.59 15.83 -3.85
CA LEU A 321 15.87 15.45 -2.63
C LEU A 321 14.86 16.51 -2.20
N GLU A 322 15.28 17.76 -2.19
CA GLU A 322 14.41 18.84 -1.75
C GLU A 322 13.11 18.93 -2.55
N LYS A 323 13.21 18.84 -3.87
CA LYS A 323 12.00 18.82 -4.71
C LYS A 323 11.08 17.62 -4.38
N HIS A 324 11.69 16.48 -4.06
CA HIS A 324 10.92 15.27 -3.80
C HIS A 324 10.26 15.31 -2.42
N ALA A 325 10.94 15.93 -1.46
CA ALA A 325 10.38 16.05 -0.11
C ALA A 325 9.06 16.81 -0.17
N LYS A 326 8.96 17.76 -1.11
CA LYS A 326 7.74 18.53 -1.29
C LYS A 326 6.64 17.64 -1.82
N VAL A 327 7.03 16.70 -2.68
CA VAL A 327 6.06 15.72 -3.18
C VAL A 327 5.59 14.79 -2.06
N ALA A 328 6.51 14.40 -1.17
CA ALA A 328 6.17 13.53 -0.04
C ALA A 328 5.23 14.23 0.92
N TYR A 329 5.46 15.53 1.11
CA TYR A 329 4.60 16.34 1.96
C TYR A 329 3.20 16.45 1.35
N GLU A 330 3.14 16.74 0.06
CA GLU A 330 1.86 16.78 -0.64
C GLU A 330 1.12 15.44 -0.52
N ALA A 331 1.82 14.34 -0.80
CA ALA A 331 1.21 13.02 -0.71
C ALA A 331 0.55 12.84 0.65
N GLY A 332 1.30 13.11 1.72
CA GLY A 332 0.78 12.98 3.06
C GLY A 332 -0.36 13.93 3.34
N ALA A 333 -0.25 15.16 2.85
CA ALA A 333 -1.27 16.18 3.10
C ALA A 333 -2.65 15.72 2.64
N GLU A 334 -2.69 15.07 1.49
CA GLU A 334 -3.95 14.63 0.91
C GLU A 334 -4.39 13.26 1.41
N GLY A 335 -3.54 12.62 2.20
CA GLY A 335 -3.77 11.27 2.66
C GLY A 335 -4.18 11.13 4.12
N VAL A 336 -4.16 12.23 4.85
CA VAL A 336 -4.65 12.22 6.23
C VAL A 336 -6.17 12.12 6.20
N VAL A 337 -6.74 11.28 7.04
CA VAL A 337 -8.19 11.12 7.05
C VAL A 337 -8.80 11.68 8.33
N LEU A 338 -9.65 12.68 8.18
CA LEU A 338 -10.38 13.23 9.32
C LEU A 338 -11.56 12.32 9.58
N LEU A 339 -11.53 11.66 10.73
CA LEU A 339 -12.54 10.67 11.07
C LEU A 339 -13.67 11.25 11.94
N ARG A 340 -13.31 12.22 12.78
CA ARG A 340 -14.31 12.80 13.68
C ARG A 340 -13.98 14.25 14.03
N ASN A 341 -14.99 15.11 14.03
CA ASN A 341 -14.77 16.52 14.30
C ASN A 341 -16.01 17.18 14.90
N GLU A 342 -16.16 17.05 16.20
CA GLU A 342 -17.23 17.73 16.91
C GLU A 342 -16.77 19.14 17.27
N GLU A 343 -16.76 20.01 16.26
CA GLU A 343 -16.29 21.39 16.43
C GLU A 343 -14.95 21.48 17.14
N ALA A 344 -13.98 20.67 16.71
CA ALA A 344 -12.68 20.63 17.37
C ALA A 344 -11.53 21.04 16.46
N LEU A 345 -11.71 20.88 15.16
CA LEU A 345 -10.64 21.21 14.22
C LEU A 345 -11.14 22.10 13.10
N PRO A 346 -10.24 22.92 12.53
CA PRO A 346 -8.84 23.02 12.96
C PRO A 346 -8.73 23.83 14.24
N LEU A 347 -7.58 23.73 14.90
CA LEU A 347 -7.32 24.49 16.12
C LEU A 347 -7.21 25.99 15.87
N SER A 348 -7.75 26.78 16.81
CA SER A 348 -7.64 28.23 16.75
C SER A 348 -6.18 28.68 16.75
N GLU A 349 -5.92 29.86 16.21
CA GLU A 349 -4.56 30.37 16.12
C GLU A 349 -3.91 30.34 17.50
N ASN A 350 -4.59 30.92 18.49
CA ASN A 350 -4.07 31.01 19.85
C ASN A 350 -3.84 29.66 20.52
N SER A 351 -4.81 28.75 20.37
CA SER A 351 -4.88 27.49 21.10
C SER A 351 -3.55 26.98 21.69
N LYS A 352 -3.55 26.75 23.00
CA LYS A 352 -2.38 26.22 23.69
C LYS A 352 -2.55 24.71 23.85
N ILE A 353 -1.68 23.96 23.19
CA ILE A 353 -1.83 22.52 23.07
C ILE A 353 -1.09 21.72 24.13
N ALA A 354 -1.83 20.83 24.81
CA ALA A 354 -1.23 19.83 25.67
C ALA A 354 -1.08 18.54 24.88
N LEU A 355 0.17 18.16 24.63
CA LEU A 355 0.46 17.04 23.74
C LEU A 355 0.72 15.75 24.53
N PHE A 356 -0.15 14.75 24.34
CA PHE A 356 -0.04 13.49 25.06
C PHE A 356 0.33 12.34 24.14
N GLY A 357 0.71 11.21 24.73
CA GLY A 357 1.09 10.06 23.94
C GLY A 357 2.58 10.03 23.69
N THR A 358 3.18 8.89 23.97
CA THR A 358 4.61 8.71 23.83
C THR A 358 5.02 8.78 22.36
N GLY A 359 4.06 8.59 21.46
CA GLY A 359 4.31 8.60 20.03
C GLY A 359 4.46 9.99 19.43
N GLN A 360 4.31 11.02 20.26
CA GLN A 360 4.53 12.39 19.81
C GLN A 360 5.99 12.58 19.49
N ILE A 361 6.83 11.75 20.11
CA ILE A 361 8.26 11.80 19.90
C ILE A 361 8.71 10.55 19.15
N GLU A 362 8.17 9.41 19.53
CA GLU A 362 8.45 8.16 18.83
C GLU A 362 7.44 8.00 17.70
N THR A 363 7.44 8.96 16.79
CA THR A 363 6.52 8.97 15.66
C THR A 363 6.88 7.90 14.64
N ILE A 364 5.88 7.10 14.27
CA ILE A 364 6.05 6.01 13.32
C ILE A 364 5.93 6.52 11.89
N LYS A 365 7.04 6.44 11.15
CA LYS A 365 7.09 6.97 9.79
C LYS A 365 6.63 5.94 8.77
N GLY A 366 6.62 4.68 9.18
CA GLY A 366 6.25 3.58 8.31
C GLY A 366 6.69 2.28 8.95
N GLY A 367 6.16 1.17 8.43
CA GLY A 367 6.44 -0.15 8.97
C GLY A 367 7.83 -0.65 8.61
N THR A 368 8.18 -1.79 9.18
CA THR A 368 9.50 -2.38 8.96
C THR A 368 9.50 -3.39 7.81
N GLY A 369 10.69 -3.88 7.48
CA GLY A 369 10.84 -4.85 6.41
C GLY A 369 11.48 -4.25 5.18
N SER A 370 11.29 -4.90 4.04
CA SER A 370 11.87 -4.42 2.79
C SER A 370 11.18 -3.14 2.34
N GLY A 371 10.08 -2.81 3.00
CA GLY A 371 9.35 -1.59 2.71
C GLY A 371 9.83 -0.43 3.55
N ASP A 372 10.86 -0.66 4.35
CA ASP A 372 11.44 0.38 5.20
C ASP A 372 12.32 1.31 4.37
N THR A 373 12.71 2.43 4.96
CA THR A 373 13.57 3.42 4.29
C THR A 373 14.51 4.12 5.28
N HIS A 374 15.59 4.70 4.76
CA HIS A 374 16.56 5.39 5.60
C HIS A 374 16.80 6.83 5.12
N PRO A 375 15.90 7.74 5.52
CA PRO A 375 15.95 9.15 5.12
C PRO A 375 16.93 9.96 5.96
N ARG A 376 17.37 11.11 5.45
CA ARG A 376 18.33 11.92 6.18
C ARG A 376 17.72 12.41 7.49
N TYR A 377 16.39 12.47 7.53
CA TYR A 377 15.67 12.89 8.72
C TYR A 377 14.21 12.42 8.65
N ALA A 378 13.54 12.47 9.79
CA ALA A 378 12.13 12.11 9.88
C ALA A 378 11.48 12.94 10.97
N ILE A 379 10.72 13.95 10.57
CA ILE A 379 10.13 14.90 11.52
C ILE A 379 9.03 14.26 12.39
N SER A 380 9.28 14.17 13.69
CA SER A 380 8.29 13.66 14.63
C SER A 380 7.12 14.63 14.75
N ILE A 381 6.06 14.17 15.39
CA ILE A 381 4.89 15.01 15.62
C ILE A 381 5.23 16.22 16.50
N LEU A 382 6.02 16.00 17.54
CA LEU A 382 6.43 17.07 18.43
C LEU A 382 7.31 18.08 17.68
N GLU A 383 8.34 17.60 17.02
CA GLU A 383 9.24 18.47 16.27
C GLU A 383 8.48 19.28 15.22
N GLY A 384 7.46 18.66 14.62
CA GLY A 384 6.66 19.35 13.63
C GLY A 384 5.95 20.55 14.25
N ILE A 385 5.42 20.35 15.45
CA ILE A 385 4.73 21.40 16.17
C ILE A 385 5.69 22.50 16.61
N LYS A 386 6.91 22.12 17.01
CA LYS A 386 7.92 23.12 17.34
C LYS A 386 8.24 23.98 16.11
N GLU A 387 8.58 23.30 15.02
CA GLU A 387 8.98 23.93 13.77
C GLU A 387 7.95 24.95 13.30
N ARG A 388 6.68 24.61 13.45
CA ARG A 388 5.59 25.49 13.03
C ARG A 388 5.33 26.56 14.09
N GLY A 389 5.97 26.42 15.24
CA GLY A 389 5.85 27.40 16.30
C GLY A 389 4.46 27.49 16.89
N LEU A 390 3.81 26.34 17.06
CA LEU A 390 2.49 26.30 17.67
C LEU A 390 2.61 26.46 19.19
N ASN A 391 1.51 26.82 19.84
CA ASN A 391 1.51 27.08 21.28
C ASN A 391 1.38 25.84 22.15
N PHE A 392 2.45 25.06 22.24
CA PHE A 392 2.37 23.81 23.00
C PHE A 392 2.91 23.95 24.43
N ASP A 393 2.45 23.06 25.30
CA ASP A 393 2.93 23.03 26.67
C ASP A 393 4.36 22.50 26.71
N GLU A 394 5.31 23.41 26.92
CA GLU A 394 6.72 23.09 26.88
C GLU A 394 7.13 22.24 28.07
N GLU A 395 6.47 22.45 29.21
CA GLU A 395 6.77 21.72 30.44
C GLU A 395 6.39 20.25 30.27
N LEU A 396 5.27 20.02 29.59
CA LEU A 396 4.84 18.67 29.33
C LEU A 396 5.78 17.98 28.35
N ALA A 397 6.18 18.68 27.28
CA ALA A 397 7.03 18.07 26.28
C ALA A 397 8.34 17.61 26.90
N LYS A 398 8.88 18.41 27.82
CA LYS A 398 10.10 18.06 28.52
C LYS A 398 9.87 16.83 29.39
N THR A 399 8.70 16.78 30.02
CA THR A 399 8.31 15.64 30.84
C THR A 399 8.32 14.33 30.03
N TYR A 400 7.77 14.37 28.83
CA TYR A 400 7.75 13.20 27.96
C TYR A 400 9.15 12.83 27.50
N GLU A 401 9.90 13.82 27.03
CA GLU A 401 11.24 13.59 26.51
C GLU A 401 12.08 12.80 27.49
N ASP A 402 12.07 13.23 28.75
CA ASP A 402 12.85 12.58 29.79
C ASP A 402 12.31 11.20 30.12
N TYR A 403 10.98 11.06 30.09
CA TYR A 403 10.36 9.77 30.37
C TYR A 403 10.75 8.70 29.35
N ILE A 404 10.67 9.06 28.08
CA ILE A 404 11.02 8.14 27.00
C ILE A 404 12.47 7.69 27.10
N LYS A 405 13.38 8.66 27.14
CA LYS A 405 14.81 8.39 27.22
C LYS A 405 15.14 7.52 28.44
N LYS A 406 14.49 7.81 29.55
CA LYS A 406 14.71 7.06 30.78
C LYS A 406 14.46 5.58 30.57
N MET A 407 13.30 5.24 30.01
CA MET A 407 12.88 3.86 29.90
C MET A 407 13.45 3.16 28.65
N ARG A 408 13.86 3.93 27.65
CA ARG A 408 14.50 3.33 26.49
C ARG A 408 15.87 2.79 26.87
N GLU A 409 16.40 3.31 27.97
CA GLU A 409 17.68 2.87 28.49
C GLU A 409 17.49 1.75 29.52
N THR A 410 16.24 1.56 29.93
CA THR A 410 15.91 0.52 30.90
C THR A 410 15.85 -0.86 30.25
N GLU A 411 16.25 -1.89 31.00
CA GLU A 411 16.38 -3.23 30.48
C GLU A 411 15.12 -3.77 29.80
N GLU A 412 13.97 -3.48 30.39
CA GLU A 412 12.71 -4.01 29.89
C GLU A 412 12.23 -3.30 28.63
N TYR A 413 12.77 -2.13 28.34
CA TYR A 413 12.26 -1.33 27.23
C TYR A 413 13.31 -0.84 26.22
N LYS A 414 14.36 -1.61 26.02
CA LYS A 414 15.40 -1.19 25.06
C LYS A 414 15.38 -2.03 23.78
N PRO A 415 15.76 -1.42 22.66
CA PRO A 415 15.72 -2.02 21.31
C PRO A 415 16.50 -3.32 21.16
N ARG A 416 16.05 -4.18 20.23
CA ARG A 416 16.73 -5.44 19.95
C ARG A 416 16.70 -5.80 18.47
N ILE A 424 13.81 -4.06 17.33
CA ILE A 424 12.44 -3.77 17.76
C ILE A 424 12.40 -3.10 19.13
N LYS A 425 11.41 -2.23 19.33
CA LYS A 425 11.25 -1.50 20.59
C LYS A 425 9.99 -1.93 21.35
N PRO A 426 10.16 -2.37 22.60
CA PRO A 426 8.99 -2.77 23.42
C PRO A 426 8.03 -1.61 23.64
N LYS A 427 6.73 -1.89 23.65
CA LYS A 427 5.73 -0.85 23.84
C LYS A 427 5.77 -0.27 25.26
N LEU A 428 5.86 1.06 25.34
CA LEU A 428 5.99 1.76 26.61
C LEU A 428 4.63 2.06 27.25
N PRO A 429 4.60 2.11 28.59
CA PRO A 429 3.39 2.48 29.34
C PRO A 429 3.00 3.93 29.07
N GLU A 430 1.70 4.19 28.93
CA GLU A 430 1.24 5.51 28.51
C GLU A 430 0.56 6.29 29.63
N ASN A 431 0.30 5.62 30.74
CA ASN A 431 -0.45 6.23 31.85
C ASN A 431 0.43 6.67 33.02
N PHE A 432 1.64 7.14 32.71
CA PHE A 432 2.60 7.49 33.75
C PHE A 432 2.29 8.83 34.43
N LEU A 433 1.27 9.53 33.93
CA LEU A 433 0.92 10.83 34.49
C LEU A 433 -0.14 10.70 35.57
N SER A 434 0.10 11.37 36.68
CA SER A 434 -0.87 11.40 37.78
C SER A 434 -2.21 11.95 37.31
N GLU A 435 -3.29 11.44 37.87
CA GLU A 435 -4.62 11.98 37.58
C GLU A 435 -4.65 13.47 37.94
N LYS A 436 -3.83 13.85 38.93
CA LYS A 436 -3.76 15.23 39.37
C LYS A 436 -2.95 16.07 38.38
N GLU A 437 -1.85 15.52 37.88
CA GLU A 437 -1.01 16.21 36.91
C GLU A 437 -1.77 16.57 35.64
N ILE A 438 -2.72 15.73 35.26
CA ILE A 438 -3.52 15.95 34.06
C ILE A 438 -4.60 17.01 34.33
N HIS A 439 -5.11 17.02 35.55
CA HIS A 439 -6.01 18.08 36.02
C HIS A 439 -5.38 19.47 35.84
N LYS A 440 -4.12 19.60 36.22
CA LYS A 440 -3.40 20.86 36.12
C LYS A 440 -3.21 21.25 34.65
N LEU A 441 -2.79 20.29 33.85
CA LEU A 441 -2.60 20.50 32.42
C LEU A 441 -3.90 20.96 31.76
N ALA A 442 -5.03 20.45 32.26
CA ALA A 442 -6.33 20.84 31.73
C ALA A 442 -6.69 22.29 32.09
N LYS A 443 -6.28 22.73 33.28
CA LYS A 443 -6.50 24.12 33.69
C LYS A 443 -5.58 25.07 32.91
N LYS A 444 -4.36 24.63 32.66
CA LYS A 444 -3.35 25.44 32.00
C LYS A 444 -3.58 25.60 30.48
N ASN A 445 -4.00 24.53 29.83
CA ASN A 445 -4.03 24.49 28.37
C ASN A 445 -5.41 24.71 27.76
N ASP A 446 -5.45 24.86 26.44
CA ASP A 446 -6.70 25.11 25.74
C ASP A 446 -7.28 23.84 25.15
N VAL A 447 -6.42 23.02 24.56
CA VAL A 447 -6.84 21.74 23.96
C VAL A 447 -5.87 20.62 24.31
N ALA A 448 -6.37 19.40 24.29
CA ALA A 448 -5.50 18.23 24.43
C ALA A 448 -5.37 17.51 23.08
N VAL A 449 -4.15 17.05 22.79
CA VAL A 449 -3.89 16.28 21.57
C VAL A 449 -3.14 15.00 21.90
N ILE A 450 -3.81 13.87 21.66
CA ILE A 450 -3.31 12.57 22.07
C ILE A 450 -2.84 11.74 20.89
N VAL A 451 -1.57 11.39 20.89
CA VAL A 451 -1.02 10.56 19.84
C VAL A 451 -1.01 9.13 20.31
N ILE A 452 -1.65 8.25 19.54
CA ILE A 452 -1.53 6.83 19.79
C ILE A 452 -0.92 6.21 18.54
N SER A 453 0.05 5.34 18.76
CA SER A 453 0.90 4.87 17.67
C SER A 453 0.92 3.36 17.57
N ARG A 454 1.06 2.87 16.35
CA ARG A 454 1.15 1.45 16.07
C ARG A 454 2.19 1.24 14.99
N ILE A 455 2.90 0.13 15.06
CA ILE A 455 3.80 -0.24 13.98
C ILE A 455 3.65 -1.72 13.64
N SER A 456 3.80 -2.04 12.37
CA SER A 456 3.85 -3.43 11.94
C SER A 456 4.97 -3.53 10.92
N GLY A 457 5.07 -4.69 10.26
CA GLY A 457 6.14 -4.90 9.31
C GLY A 457 6.08 -6.27 8.67
N GLU A 458 6.79 -6.40 7.56
CA GLU A 458 6.90 -7.67 6.85
C GLU A 458 7.29 -8.81 7.81
N GLY A 459 6.63 -9.94 7.69
CA GLY A 459 7.01 -11.12 8.44
C GLY A 459 6.24 -11.35 9.72
N TYR A 460 5.48 -10.35 10.15
CA TYR A 460 4.69 -10.46 11.38
C TYR A 460 3.26 -10.00 11.16
N ASP A 461 2.30 -10.86 11.47
CA ASP A 461 0.91 -10.44 11.48
C ASP A 461 0.54 -9.87 12.86
N ARG A 462 -0.42 -8.96 12.88
CA ARG A 462 -0.91 -8.40 14.13
C ARG A 462 -1.89 -9.37 14.77
N LYS A 463 -2.09 -9.22 16.07
CA LYS A 463 -3.07 -10.05 16.77
C LYS A 463 -4.22 -9.20 17.27
N PRO A 464 -5.43 -9.79 17.36
CA PRO A 464 -6.58 -9.06 17.88
C PRO A 464 -6.53 -8.98 19.40
N VAL A 465 -5.50 -8.32 19.91
CA VAL A 465 -5.29 -8.21 21.35
C VAL A 465 -4.99 -6.78 21.74
N LYS A 466 -5.11 -6.48 23.03
CA LYS A 466 -4.81 -5.12 23.51
C LYS A 466 -3.36 -4.73 23.22
N GLY A 467 -3.15 -3.45 22.93
CA GLY A 467 -1.84 -2.97 22.55
C GLY A 467 -1.59 -3.15 21.06
N ASP A 468 -2.51 -3.83 20.39
CA ASP A 468 -2.39 -4.09 18.95
C ASP A 468 -3.62 -3.59 18.20
N PHE A 469 -4.55 -4.50 17.87
CA PHE A 469 -5.80 -4.05 17.25
C PHE A 469 -6.62 -3.24 18.24
N TYR A 470 -6.51 -3.60 19.51
CA TYR A 470 -7.23 -2.92 20.57
C TYR A 470 -6.26 -2.05 21.34
N LEU A 471 -6.79 -0.96 21.91
CA LEU A 471 -6.03 -0.11 22.81
C LEU A 471 -5.60 -0.93 24.02
N SER A 472 -4.37 -0.71 24.47
CA SER A 472 -3.94 -1.31 25.72
C SER A 472 -4.68 -0.59 26.84
N ASP A 473 -4.80 -1.25 27.99
CA ASP A 473 -5.49 -0.65 29.13
C ASP A 473 -4.98 0.74 29.49
N ASP A 474 -3.67 0.94 29.41
CA ASP A 474 -3.07 2.23 29.74
C ASP A 474 -3.44 3.34 28.74
N GLU A 475 -3.62 2.95 27.48
CA GLU A 475 -4.04 3.92 26.47
C GLU A 475 -5.49 4.36 26.70
N THR A 476 -6.38 3.41 26.92
CA THR A 476 -7.77 3.77 27.18
C THR A 476 -7.90 4.51 28.52
N ASP A 477 -7.04 4.19 29.47
CA ASP A 477 -6.99 4.94 30.73
C ASP A 477 -6.63 6.40 30.47
N LEU A 478 -5.57 6.60 29.69
CA LEU A 478 -5.11 7.95 29.36
C LEU A 478 -6.20 8.75 28.67
N ILE A 479 -6.81 8.18 27.64
CA ILE A 479 -7.85 8.88 26.90
C ILE A 479 -9.07 9.19 27.76
N LYS A 480 -9.47 8.24 28.61
CA LYS A 480 -10.62 8.45 29.48
C LYS A 480 -10.36 9.58 30.47
N THR A 481 -9.13 9.62 30.98
CA THR A 481 -8.76 10.60 31.98
C THR A 481 -8.57 12.00 31.37
N VAL A 482 -7.82 12.08 30.28
CA VAL A 482 -7.63 13.36 29.60
C VAL A 482 -8.98 13.91 29.14
N SER A 483 -9.81 13.05 28.57
CA SER A 483 -11.13 13.43 28.13
C SER A 483 -11.95 14.03 29.26
N ARG A 484 -11.95 13.36 30.41
CA ARG A 484 -12.78 13.77 31.53
C ARG A 484 -12.36 15.14 32.06
N GLU A 485 -11.06 15.32 32.28
CA GLU A 485 -10.60 16.56 32.88
C GLU A 485 -10.61 17.75 31.90
N PHE A 486 -10.30 17.50 30.64
CA PHE A 486 -10.39 18.58 29.65
C PHE A 486 -11.83 18.96 29.36
N HIS A 487 -12.72 17.98 29.48
CA HIS A 487 -14.15 18.23 29.33
C HIS A 487 -14.71 18.86 30.59
N GLU A 488 -14.00 18.70 31.70
CA GLU A 488 -14.38 19.34 32.95
C GLU A 488 -14.33 20.86 32.73
N GLN A 489 -13.18 21.36 32.32
CA GLN A 489 -13.09 22.69 31.73
C GLN A 489 -13.85 22.55 30.43
N GLY A 490 -14.25 23.67 29.82
CA GLY A 490 -15.01 23.57 28.58
C GLY A 490 -14.12 23.34 27.37
N LYS A 491 -13.19 22.38 27.48
CA LYS A 491 -12.14 22.22 26.48
C LYS A 491 -12.23 20.93 25.66
N LYS A 492 -11.62 20.96 24.47
CA LYS A 492 -11.74 19.86 23.51
C LYS A 492 -10.55 18.89 23.56
N VAL A 493 -10.79 17.66 23.13
CA VAL A 493 -9.71 16.68 23.04
C VAL A 493 -9.61 16.08 21.64
N ILE A 494 -8.38 15.85 21.21
CA ILE A 494 -8.13 15.34 19.87
C ILE A 494 -7.18 14.16 19.94
N VAL A 495 -7.48 13.13 19.17
CA VAL A 495 -6.62 11.97 19.07
C VAL A 495 -6.04 11.87 17.67
N LEU A 496 -4.74 11.61 17.60
CA LEU A 496 -4.09 11.39 16.33
C LEU A 496 -3.74 9.92 16.23
N LEU A 497 -4.22 9.28 15.18
CA LEU A 497 -3.95 7.88 14.95
C LEU A 497 -2.76 7.71 14.03
N ASN A 498 -1.61 7.45 14.64
CA ASN A 498 -0.35 7.25 13.94
C ASN A 498 -0.15 5.75 13.71
N ILE A 499 -1.06 5.16 12.94
CA ILE A 499 -1.14 3.72 12.76
C ILE A 499 -0.99 3.32 11.29
N GLY A 500 -0.73 2.03 11.05
CA GLY A 500 -0.59 1.53 9.69
C GLY A 500 -1.78 0.70 9.22
N SER A 501 -2.76 0.55 10.10
CA SER A 501 -3.87 -0.35 9.83
C SER A 501 -4.98 -0.13 10.84
N PRO A 502 -6.21 -0.58 10.53
CA PRO A 502 -7.34 -0.27 11.41
C PRO A 502 -7.08 -0.70 12.85
N VAL A 503 -7.52 0.11 13.80
CA VAL A 503 -7.57 -0.30 15.21
C VAL A 503 -8.99 -0.13 15.73
N GLU A 504 -9.28 -0.72 16.89
CA GLU A 504 -10.60 -0.57 17.49
C GLU A 504 -10.83 0.90 17.81
N VAL A 505 -12.04 1.37 17.57
CA VAL A 505 -12.31 2.80 17.61
C VAL A 505 -13.58 3.13 18.38
N VAL A 506 -14.51 2.18 18.41
CA VAL A 506 -15.83 2.39 18.97
C VAL A 506 -15.85 2.67 20.48
N SER A 507 -15.01 1.98 21.23
CA SER A 507 -15.05 2.05 22.69
C SER A 507 -14.67 3.41 23.27
N TRP A 508 -13.97 4.22 22.48
CA TRP A 508 -13.43 5.45 23.02
C TRP A 508 -13.69 6.67 22.17
N ARG A 509 -14.16 6.48 20.94
CA ARG A 509 -14.29 7.62 20.05
C ARG A 509 -15.33 8.66 20.54
N ASP A 510 -16.32 8.21 21.30
CA ASP A 510 -17.34 9.12 21.80
C ASP A 510 -16.83 9.99 22.95
N LEU A 511 -15.64 9.67 23.44
CA LEU A 511 -15.03 10.40 24.55
C LEU A 511 -14.30 11.63 24.06
N VAL A 512 -13.95 11.61 22.79
CA VAL A 512 -13.09 12.65 22.21
C VAL A 512 -13.86 13.48 21.19
N ASP A 513 -13.34 14.64 20.82
CA ASP A 513 -14.06 15.56 19.95
C ASP A 513 -13.55 15.51 18.50
N GLY A 514 -12.27 15.23 18.33
CA GLY A 514 -11.68 15.12 17.01
C GLY A 514 -10.83 13.88 16.88
N ILE A 515 -10.72 13.37 15.66
CA ILE A 515 -9.87 12.22 15.38
C ILE A 515 -9.28 12.33 13.98
N LEU A 516 -7.96 12.50 13.92
CA LEU A 516 -7.26 12.54 12.66
C LEU A 516 -6.54 11.22 12.45
N LEU A 517 -6.85 10.56 11.34
CA LEU A 517 -6.11 9.37 10.93
C LEU A 517 -4.91 9.85 10.15
N VAL A 518 -3.76 9.83 10.80
CA VAL A 518 -2.54 10.38 10.25
C VAL A 518 -1.70 9.27 9.66
N TRP A 519 -2.15 8.03 9.82
CA TRP A 519 -1.41 6.87 9.34
C TRP A 519 0.05 7.01 9.69
N GLN A 520 0.90 6.72 8.71
CA GLN A 520 2.35 6.81 8.85
C GLN A 520 2.92 7.51 7.62
N ALA A 521 3.23 8.80 7.78
CA ALA A 521 3.42 9.69 6.64
C ALA A 521 4.85 9.93 6.20
N GLY A 522 5.77 9.07 6.62
CA GLY A 522 7.14 9.18 6.17
C GLY A 522 7.90 10.34 6.80
N GLN A 523 8.96 10.79 6.13
CA GLN A 523 9.88 11.78 6.70
C GLN A 523 9.24 13.13 7.07
N GLU A 524 8.16 13.49 6.39
CA GLU A 524 7.54 14.80 6.60
C GLU A 524 6.37 14.77 7.58
N THR A 525 6.14 13.62 8.21
CA THR A 525 5.00 13.41 9.10
C THR A 525 4.63 14.59 10.02
N GLY A 526 5.55 14.96 10.90
CA GLY A 526 5.29 16.03 11.86
C GLY A 526 4.82 17.32 11.19
N ARG A 527 5.47 17.66 10.08
CA ARG A 527 5.12 18.86 9.33
C ARG A 527 3.69 18.80 8.80
N ILE A 528 3.34 17.67 8.20
CA ILE A 528 1.98 17.44 7.71
C ILE A 528 0.97 17.55 8.85
N VAL A 529 1.27 16.92 9.97
CA VAL A 529 0.34 16.88 11.09
C VAL A 529 0.08 18.27 11.65
N ALA A 530 1.15 19.03 11.88
CA ALA A 530 1.01 20.39 12.37
C ALA A 530 0.13 21.22 11.44
N ASP A 531 0.37 21.12 10.13
CA ASP A 531 -0.38 21.89 9.17
C ASP A 531 -1.85 21.49 9.08
N VAL A 532 -2.15 20.23 9.44
CA VAL A 532 -3.53 19.78 9.51
C VAL A 532 -4.26 20.32 10.74
N LEU A 533 -3.58 20.34 11.89
CA LEU A 533 -4.17 20.91 13.09
C LEU A 533 -4.57 22.37 12.87
N THR A 534 -3.68 23.12 12.25
CA THR A 534 -3.87 24.57 12.15
C THR A 534 -4.83 24.94 11.03
N GLY A 535 -5.16 23.95 10.19
CA GLY A 535 -6.10 24.18 9.11
C GLY A 535 -5.43 24.65 7.83
N ARG A 536 -4.11 24.81 7.89
CA ARG A 536 -3.34 25.12 6.69
C ARG A 536 -3.59 24.05 5.62
N ILE A 537 -3.69 22.80 6.06
CA ILE A 537 -4.13 21.72 5.20
C ILE A 537 -5.58 21.39 5.51
N ASN A 538 -6.42 21.34 4.48
CA ASN A 538 -7.80 20.88 4.65
C ASN A 538 -7.89 19.40 4.26
N PRO A 539 -8.02 18.51 5.27
CA PRO A 539 -8.05 17.05 5.07
C PRO A 539 -8.99 16.66 3.95
N SER A 540 -8.51 15.82 3.04
CA SER A 540 -9.33 15.38 1.91
C SER A 540 -9.22 13.89 1.69
N GLY A 541 -8.53 13.19 2.58
CA GLY A 541 -8.38 11.75 2.49
C GLY A 541 -9.63 10.98 2.84
N LYS A 542 -9.74 9.76 2.30
CA LYS A 542 -10.85 8.86 2.66
C LYS A 542 -10.36 7.41 2.75
N LEU A 543 -11.01 6.64 3.62
CA LEU A 543 -10.58 5.28 3.92
C LEU A 543 -10.55 4.40 2.67
N PRO A 544 -9.42 3.70 2.47
CA PRO A 544 -9.29 2.72 1.39
C PRO A 544 -9.66 1.33 1.91
N THR A 545 -10.00 1.27 3.19
CA THR A 545 -10.26 0.02 3.90
C THR A 545 -11.31 0.25 4.98
N THR A 546 -12.08 -0.80 5.29
CA THR A 546 -13.10 -0.72 6.33
C THR A 546 -12.55 -0.83 7.75
N PHE A 547 -13.01 0.06 8.64
CA PHE A 547 -12.74 -0.04 10.07
C PHE A 547 -13.91 -0.78 10.73
N PRO A 548 -13.67 -2.02 11.17
CA PRO A 548 -14.70 -2.83 11.83
C PRO A 548 -14.96 -2.33 13.24
N ARG A 549 -16.19 -2.46 13.72
CA ARG A 549 -16.52 -2.12 15.11
C ARG A 549 -15.71 -2.97 16.07
N ASP A 550 -15.58 -4.25 15.75
CA ASP A 550 -14.82 -5.18 16.57
C ASP A 550 -14.15 -6.18 15.64
N TYR A 551 -13.05 -6.80 16.06
CA TYR A 551 -12.37 -7.73 15.17
C TYR A 551 -13.23 -8.92 14.78
N SER A 552 -14.16 -9.31 15.64
CA SER A 552 -14.98 -10.47 15.37
C SER A 552 -15.92 -10.21 14.20
N ASP A 553 -16.02 -8.95 13.79
CA ASP A 553 -16.94 -8.59 12.73
C ASP A 553 -16.37 -8.86 11.36
N VAL A 554 -15.04 -8.97 11.26
CA VAL A 554 -14.44 -9.16 9.96
C VAL A 554 -14.74 -10.54 9.38
N PRO A 555 -15.10 -10.57 8.09
CA PRO A 555 -15.52 -11.76 7.33
C PRO A 555 -14.40 -12.77 7.06
N SER A 556 -13.16 -12.31 7.01
CA SER A 556 -12.05 -13.21 6.73
C SER A 556 -11.60 -13.89 8.04
N TRP A 557 -12.56 -14.54 8.68
CA TRP A 557 -12.39 -15.16 9.98
C TRP A 557 -11.36 -16.30 10.01
N THR A 558 -11.06 -16.89 8.85
CA THR A 558 -10.16 -18.04 8.83
C THR A 558 -8.69 -17.64 9.00
N PHE A 559 -8.41 -16.37 8.78
CA PHE A 559 -7.09 -15.81 9.04
C PHE A 559 -6.60 -16.25 10.43
N PRO A 560 -5.37 -16.77 10.51
CA PRO A 560 -4.42 -16.90 9.40
C PRO A 560 -4.29 -18.35 8.91
N GLY A 561 -5.31 -19.17 9.13
CA GLY A 561 -5.31 -20.51 8.57
C GLY A 561 -5.34 -21.65 9.59
N GLU A 562 -5.27 -22.87 9.09
CA GLU A 562 -5.34 -24.05 9.93
C GLU A 562 -4.08 -24.90 9.78
N PRO A 563 -3.46 -25.29 10.91
CA PRO A 563 -3.87 -24.93 12.27
C PRO A 563 -3.41 -23.51 12.60
N LYS A 564 -4.11 -22.84 13.51
CA LYS A 564 -3.88 -21.42 13.77
C LYS A 564 -2.42 -21.07 14.11
N ASP A 565 -1.75 -21.93 14.87
CA ASP A 565 -0.42 -21.63 15.35
C ASP A 565 0.68 -21.94 14.33
N ASN A 566 0.34 -22.75 13.33
CA ASN A 566 1.31 -23.12 12.30
C ASN A 566 0.60 -23.46 11.00
N PRO A 567 -0.08 -22.46 10.41
CA PRO A 567 -1.03 -22.68 9.32
C PRO A 567 -0.41 -23.29 8.08
N GLN A 568 -1.00 -24.39 7.60
CA GLN A 568 -0.55 -25.05 6.39
C GLN A 568 -1.48 -24.71 5.24
N LYS A 569 -2.67 -24.25 5.58
CA LYS A 569 -3.62 -23.79 4.57
C LYS A 569 -4.51 -22.72 5.17
N VAL A 570 -5.12 -21.92 4.30
CA VAL A 570 -6.07 -20.92 4.71
C VAL A 570 -7.06 -20.78 3.57
N VAL A 571 -8.34 -21.06 3.82
CA VAL A 571 -9.29 -20.91 2.73
C VAL A 571 -10.15 -19.67 2.85
N TYR A 572 -10.34 -18.99 1.73
CA TYR A 572 -11.08 -17.75 1.73
C TYR A 572 -12.57 -18.04 1.70
N GLU A 573 -13.11 -18.44 2.85
CA GLU A 573 -14.51 -18.81 2.95
C GLU A 573 -15.43 -17.67 2.53
N GLU A 574 -15.05 -16.44 2.87
CA GLU A 574 -15.90 -15.28 2.59
C GLU A 574 -15.87 -14.93 1.09
N ASP A 575 -14.85 -15.42 0.40
CA ASP A 575 -14.84 -15.35 -1.05
C ASP A 575 -14.89 -13.90 -1.54
N ILE A 576 -15.78 -13.60 -2.47
CA ILE A 576 -15.85 -12.26 -3.05
C ILE A 576 -16.36 -11.23 -2.05
N TYR A 577 -16.95 -11.70 -0.96
CA TYR A 577 -17.58 -10.82 0.02
C TYR A 577 -16.56 -10.39 1.06
N VAL A 578 -15.59 -9.61 0.60
CA VAL A 578 -14.49 -9.19 1.44
C VAL A 578 -14.46 -7.66 1.49
N GLY A 579 -14.10 -7.08 2.63
CA GLY A 579 -14.18 -5.64 2.79
C GLY A 579 -15.62 -5.15 2.77
N TYR A 580 -15.86 -3.98 2.18
CA TYR A 580 -17.20 -3.40 2.18
C TYR A 580 -18.23 -4.28 1.47
N ARG A 581 -17.79 -5.10 0.51
CA ARG A 581 -18.68 -6.06 -0.14
C ARG A 581 -19.40 -6.93 0.89
N TYR A 582 -18.71 -7.31 1.95
CA TYR A 582 -19.33 -8.09 3.01
C TYR A 582 -20.30 -7.27 3.87
N TYR A 583 -19.83 -6.11 4.35
CA TYR A 583 -20.59 -5.31 5.30
C TYR A 583 -21.90 -4.78 4.70
N ASP A 584 -21.85 -4.39 3.43
CA ASP A 584 -23.02 -3.89 2.72
C ASP A 584 -24.02 -5.00 2.45
N THR A 585 -23.53 -6.12 1.92
CA THR A 585 -24.39 -7.21 1.51
C THR A 585 -25.10 -7.86 2.70
N PHE A 586 -24.39 -8.08 3.79
CA PHE A 586 -24.98 -8.76 4.94
C PHE A 586 -25.35 -7.86 6.11
N GLY A 587 -25.32 -6.56 5.89
CA GLY A 587 -25.88 -5.61 6.85
C GLY A 587 -25.15 -5.54 8.16
N VAL A 588 -23.83 -5.75 8.13
CA VAL A 588 -22.99 -5.52 9.29
C VAL A 588 -22.42 -4.10 9.25
N GLU A 589 -22.64 -3.34 10.30
CA GLU A 589 -22.23 -1.94 10.34
C GLU A 589 -20.77 -1.80 10.76
N PRO A 590 -19.97 -1.15 9.92
CA PRO A 590 -18.57 -0.86 10.27
C PRO A 590 -18.48 0.27 11.29
N ALA A 591 -17.33 0.41 11.92
CA ALA A 591 -17.02 1.57 12.75
C ALA A 591 -16.90 2.79 11.84
N TYR A 592 -16.10 2.65 10.79
CA TYR A 592 -16.01 3.65 9.72
C TYR A 592 -15.94 2.91 8.40
N GLU A 593 -16.79 3.31 7.45
CA GLU A 593 -16.97 2.56 6.20
C GLU A 593 -15.94 2.91 5.15
N PHE A 594 -15.72 1.98 4.22
CA PHE A 594 -14.86 2.19 3.08
C PHE A 594 -15.22 3.51 2.39
N GLY A 595 -14.21 4.33 2.10
CA GLY A 595 -14.43 5.57 1.38
C GLY A 595 -14.99 6.72 2.20
N TYR A 596 -14.92 6.59 3.53
CA TYR A 596 -15.36 7.63 4.46
C TYR A 596 -14.22 8.58 4.81
N GLY A 597 -14.56 9.87 4.93
CA GLY A 597 -13.59 10.86 5.39
C GLY A 597 -14.23 12.24 5.44
N LEU A 598 -13.92 13.00 6.47
CA LEU A 598 -14.55 14.31 6.63
C LEU A 598 -13.66 15.43 6.07
N SER A 599 -14.19 16.65 6.08
CA SER A 599 -13.48 17.81 5.55
C SER A 599 -13.68 19.00 6.49
N TYR A 600 -12.79 19.99 6.41
CA TYR A 600 -12.96 21.23 7.16
C TYR A 600 -14.00 22.11 6.47
N THR A 601 -14.47 21.66 5.33
CA THR A 601 -15.55 22.34 4.62
C THR A 601 -16.62 21.34 4.17
N THR A 602 -17.68 21.84 3.55
CA THR A 602 -18.77 20.99 3.08
C THR A 602 -18.87 21.04 1.57
N PHE A 603 -19.44 19.98 0.99
CA PHE A 603 -19.63 19.92 -0.46
C PHE A 603 -21.06 19.51 -0.77
N GLU A 604 -21.59 19.97 -1.90
CA GLU A 604 -22.91 19.54 -2.34
C GLU A 604 -22.84 18.95 -3.74
N TYR A 605 -23.42 17.76 -3.90
CA TYR A 605 -23.44 17.06 -5.19
C TYR A 605 -24.71 17.40 -5.96
N SER A 606 -24.62 17.45 -7.29
CA SER A 606 -25.80 17.79 -8.06
C SER A 606 -25.68 17.45 -9.55
N ASP A 607 -26.78 17.63 -10.28
CA ASP A 607 -26.79 17.53 -11.73
C ASP A 607 -26.37 16.18 -12.27
N LEU A 608 -26.87 15.10 -11.64
CA LEU A 608 -26.53 13.77 -12.10
C LEU A 608 -27.09 13.46 -13.48
N ASN A 609 -26.24 12.97 -14.38
CA ASN A 609 -26.70 12.44 -15.65
C ASN A 609 -25.95 11.17 -16.01
N VAL A 610 -26.67 10.05 -16.02
CA VAL A 610 -26.07 8.79 -16.44
C VAL A 610 -26.62 8.35 -17.80
N SER A 611 -25.72 7.92 -18.67
CA SER A 611 -26.10 7.46 -19.99
C SER A 611 -25.30 6.21 -20.37
N PHE A 612 -25.97 5.26 -21.00
CA PHE A 612 -25.32 4.04 -21.45
C PHE A 612 -25.63 3.80 -22.92
N ASP A 613 -24.59 3.73 -23.75
CA ASP A 613 -24.76 3.55 -25.18
C ASP A 613 -24.56 2.10 -25.62
N GLY A 614 -24.42 1.21 -24.64
CA GLY A 614 -24.24 -0.20 -24.91
C GLY A 614 -22.80 -0.65 -24.79
N GLU A 615 -21.88 0.30 -24.73
CA GLU A 615 -20.46 -0.03 -24.66
C GLU A 615 -19.76 0.78 -23.58
N THR A 616 -20.34 1.93 -23.25
CA THR A 616 -19.77 2.82 -22.25
C THR A 616 -20.87 3.39 -21.35
N LEU A 617 -20.64 3.34 -20.05
CA LEU A 617 -21.49 4.05 -19.09
C LEU A 617 -20.84 5.39 -18.77
N ARG A 618 -21.64 6.45 -18.78
CA ARG A 618 -21.13 7.80 -18.55
C ARG A 618 -21.86 8.41 -17.37
N VAL A 619 -21.12 8.78 -16.33
CA VAL A 619 -21.72 9.45 -15.19
C VAL A 619 -21.19 10.87 -15.07
N GLN A 620 -22.11 11.82 -15.08
CA GLN A 620 -21.77 13.22 -14.96
C GLN A 620 -22.49 13.80 -13.76
N TYR A 621 -21.80 14.63 -13.00
CA TYR A 621 -22.39 15.31 -11.86
C TYR A 621 -21.53 16.48 -11.42
N ARG A 622 -22.15 17.43 -10.71
CA ARG A 622 -21.44 18.62 -10.29
C ARG A 622 -21.16 18.58 -8.80
N ILE A 623 -19.96 19.01 -8.42
CA ILE A 623 -19.59 19.11 -7.01
C ILE A 623 -19.19 20.54 -6.67
N GLU A 624 -19.93 21.16 -5.76
CA GLU A 624 -19.64 22.53 -5.37
C GLU A 624 -19.20 22.63 -3.91
N ASN A 625 -18.16 23.42 -3.67
CA ASN A 625 -17.71 23.72 -2.32
C ASN A 625 -18.72 24.65 -1.65
N THR A 626 -19.43 24.11 -0.67
CA THR A 626 -20.56 24.81 -0.07
C THR A 626 -20.18 25.39 1.29
N GLY A 627 -18.91 25.29 1.66
CA GLY A 627 -18.44 25.75 2.96
C GLY A 627 -17.60 27.01 2.91
N GLY A 628 -16.81 27.23 3.96
CA GLY A 628 -16.05 28.47 4.11
C GLY A 628 -14.55 28.33 3.96
N ARG A 629 -14.10 27.16 3.53
CA ARG A 629 -12.66 26.94 3.35
C ARG A 629 -12.42 26.13 2.09
N ALA A 630 -11.33 26.45 1.39
CA ALA A 630 -10.99 25.72 0.17
C ALA A 630 -10.72 24.26 0.49
N GLY A 631 -11.13 23.36 -0.40
CA GLY A 631 -10.89 21.95 -0.19
C GLY A 631 -11.05 21.09 -1.42
N LYS A 632 -10.65 19.83 -1.31
CA LYS A 632 -10.84 18.85 -2.38
C LYS A 632 -11.88 17.83 -1.94
N GLU A 633 -12.66 17.33 -2.90
CA GLU A 633 -13.63 16.29 -2.59
C GLU A 633 -13.40 15.02 -3.41
N VAL A 634 -13.22 13.91 -2.70
CA VAL A 634 -13.19 12.60 -3.32
C VAL A 634 -14.61 12.11 -3.49
N SER A 635 -14.99 11.76 -4.72
CA SER A 635 -16.31 11.19 -4.97
C SER A 635 -16.17 9.77 -5.47
N GLN A 636 -17.18 8.94 -5.19
CA GLN A 636 -17.10 7.51 -5.49
C GLN A 636 -18.35 7.06 -6.21
N VAL A 637 -18.18 6.35 -7.31
CA VAL A 637 -19.34 5.83 -8.04
C VAL A 637 -19.45 4.32 -7.92
N TYR A 638 -20.47 3.88 -7.20
CA TYR A 638 -20.70 2.46 -6.99
C TYR A 638 -21.83 2.03 -7.92
N ILE A 639 -21.70 0.85 -8.49
CA ILE A 639 -22.79 0.28 -9.27
C ILE A 639 -23.45 -0.87 -8.50
N LYS A 640 -24.76 -0.81 -8.39
CA LYS A 640 -25.53 -1.90 -7.82
C LYS A 640 -26.15 -2.66 -8.99
N ALA A 641 -25.62 -3.85 -9.29
CA ALA A 641 -26.14 -4.64 -10.39
C ALA A 641 -27.41 -5.36 -9.95
N PRO A 642 -28.29 -5.68 -10.90
CA PRO A 642 -29.52 -6.40 -10.58
C PRO A 642 -29.23 -7.81 -10.05
N LYS A 643 -30.15 -8.40 -9.30
CA LYS A 643 -29.91 -9.75 -8.79
C LYS A 643 -29.77 -10.78 -9.92
N GLY A 644 -30.67 -10.73 -10.89
CA GLY A 644 -30.58 -11.58 -12.07
C GLY A 644 -30.29 -13.05 -11.79
N LYS A 645 -29.19 -13.54 -12.34
CA LYS A 645 -28.88 -14.97 -12.36
C LYS A 645 -28.09 -15.42 -11.14
N ILE A 646 -27.04 -14.68 -10.84
CA ILE A 646 -26.08 -15.12 -9.84
C ILE A 646 -25.99 -14.12 -8.70
N ASP A 647 -25.58 -14.60 -7.53
CA ASP A 647 -25.40 -13.73 -6.37
C ASP A 647 -24.29 -12.68 -6.61
N LYS A 648 -24.54 -11.46 -6.14
CA LYS A 648 -23.58 -10.37 -6.30
C LYS A 648 -23.54 -9.52 -5.04
N PRO A 649 -22.40 -8.86 -4.79
CA PRO A 649 -22.37 -7.94 -3.66
C PRO A 649 -23.46 -6.87 -3.78
N PHE A 650 -23.79 -6.26 -2.66
CA PHE A 650 -24.78 -5.19 -2.63
C PHE A 650 -24.46 -4.13 -3.69
N GLN A 651 -23.20 -3.68 -3.71
CA GLN A 651 -22.74 -2.73 -4.72
C GLN A 651 -21.24 -2.90 -4.93
N GLU A 652 -20.71 -2.31 -6.01
CA GLU A 652 -19.28 -2.39 -6.29
C GLU A 652 -18.73 -1.08 -6.83
N LEU A 653 -17.60 -0.65 -6.28
CA LEU A 653 -16.91 0.55 -6.74
C LEU A 653 -16.43 0.32 -8.16
N LYS A 654 -16.82 1.20 -9.08
CA LYS A 654 -16.43 1.07 -10.47
C LYS A 654 -15.65 2.27 -10.97
N ALA A 655 -15.84 3.41 -10.31
CA ALA A 655 -15.06 4.60 -10.66
C ALA A 655 -14.99 5.57 -9.49
N PHE A 656 -14.04 6.49 -9.56
CA PHE A 656 -13.85 7.51 -8.53
C PHE A 656 -13.07 8.72 -9.09
N HIS A 657 -13.01 9.78 -8.31
CA HIS A 657 -12.54 11.06 -8.80
C HIS A 657 -12.22 11.95 -7.61
N LYS A 658 -11.20 12.78 -7.76
CA LYS A 658 -10.90 13.80 -6.76
C LYS A 658 -10.83 15.16 -7.42
N THR A 659 -11.68 16.05 -6.94
CA THR A 659 -11.83 17.37 -7.50
C THR A 659 -10.55 18.19 -7.29
N ARG A 660 -10.38 19.27 -8.05
CA ARG A 660 -9.28 20.21 -7.80
C ARG A 660 -9.52 20.91 -6.47
N LEU A 661 -8.60 21.78 -6.05
CA LEU A 661 -8.79 22.55 -4.83
C LEU A 661 -9.84 23.63 -5.05
N LEU A 662 -11.04 23.41 -4.52
CA LEU A 662 -12.14 24.32 -4.74
C LEU A 662 -12.29 25.35 -3.64
N ASN A 663 -12.32 26.63 -4.01
CA ASN A 663 -12.61 27.70 -3.07
C ASN A 663 -14.11 27.74 -2.78
N PRO A 664 -14.49 28.36 -1.67
CA PRO A 664 -15.92 28.50 -1.36
C PRO A 664 -16.70 28.98 -2.58
N GLY A 665 -17.83 28.34 -2.85
CA GLY A 665 -18.70 28.75 -3.95
C GLY A 665 -18.30 28.15 -5.29
N GLU A 666 -17.04 27.72 -5.39
CA GLU A 666 -16.54 27.09 -6.61
C GLU A 666 -17.19 25.72 -6.80
N SER A 667 -17.27 25.28 -8.06
CA SER A 667 -17.81 23.97 -8.37
C SER A 667 -16.99 23.32 -9.47
N GLU A 668 -17.15 22.01 -9.64
CA GLU A 668 -16.48 21.32 -10.73
C GLU A 668 -17.42 20.33 -11.43
N GLU A 669 -17.18 20.12 -12.71
CA GLU A 669 -17.94 19.16 -13.50
C GLU A 669 -17.21 17.83 -13.49
N VAL A 670 -17.89 16.76 -13.08
CA VAL A 670 -17.25 15.45 -13.03
C VAL A 670 -17.83 14.53 -14.09
N VAL A 671 -16.95 14.07 -14.97
CA VAL A 671 -17.35 13.19 -16.07
C VAL A 671 -16.53 11.91 -16.00
N LEU A 672 -17.20 10.79 -15.76
CA LEU A 672 -16.53 9.50 -15.62
C LEU A 672 -17.10 8.49 -16.60
N GLU A 673 -16.21 7.74 -17.23
CA GLU A 673 -16.65 6.70 -18.15
C GLU A 673 -16.24 5.32 -17.65
N ILE A 674 -17.16 4.37 -17.77
CA ILE A 674 -16.94 3.00 -17.35
C ILE A 674 -17.25 2.06 -18.51
N PRO A 675 -16.28 1.24 -18.93
CA PRO A 675 -16.52 0.31 -20.04
C PRO A 675 -17.48 -0.78 -19.59
N VAL A 676 -18.36 -1.21 -20.49
CA VAL A 676 -19.38 -2.20 -20.12
C VAL A 676 -18.80 -3.49 -19.53
N ARG A 677 -17.58 -3.84 -19.94
CA ARG A 677 -16.89 -5.03 -19.43
C ARG A 677 -16.59 -4.95 -17.92
N ASP A 678 -16.55 -3.74 -17.38
CA ASP A 678 -16.28 -3.55 -15.95
C ASP A 678 -17.54 -3.78 -15.10
N LEU A 679 -18.69 -3.89 -15.76
CA LEU A 679 -19.93 -4.17 -15.06
C LEU A 679 -20.16 -5.67 -14.84
N ALA A 680 -19.21 -6.49 -15.27
CA ALA A 680 -19.39 -7.95 -15.27
C ALA A 680 -19.19 -8.62 -13.92
N SER A 681 -19.77 -9.80 -13.77
CA SER A 681 -19.45 -10.72 -12.66
C SER A 681 -18.95 -12.02 -13.26
N PHE A 682 -18.06 -12.69 -12.54
CA PHE A 682 -17.53 -13.96 -13.00
C PHE A 682 -18.34 -15.14 -12.45
N ASN A 683 -18.84 -16.00 -13.33
CA ASN A 683 -19.70 -17.09 -12.90
C ASN A 683 -18.98 -18.44 -12.79
N GLY A 684 -17.65 -18.40 -12.82
CA GLY A 684 -16.85 -19.61 -12.74
C GLY A 684 -16.21 -19.99 -14.07
N GLU A 685 -16.82 -19.55 -15.16
CA GLU A 685 -16.30 -19.83 -16.49
C GLU A 685 -16.14 -18.56 -17.29
N GLU A 686 -17.13 -17.70 -17.24
CA GLU A 686 -17.15 -16.50 -18.06
C GLU A 686 -17.48 -15.25 -17.27
N TRP A 687 -17.01 -14.11 -17.77
CA TRP A 687 -17.49 -12.82 -17.28
C TRP A 687 -18.84 -12.58 -17.91
N VAL A 688 -19.83 -12.20 -17.11
CA VAL A 688 -21.15 -11.91 -17.64
C VAL A 688 -21.63 -10.53 -17.20
N VAL A 689 -22.07 -9.76 -18.18
CA VAL A 689 -22.80 -8.53 -17.89
C VAL A 689 -24.27 -8.84 -18.15
N GLU A 690 -24.99 -9.11 -17.08
CA GLU A 690 -26.40 -9.48 -17.16
C GLU A 690 -27.26 -8.31 -17.61
N ALA A 691 -28.30 -8.62 -18.39
CA ALA A 691 -29.24 -7.60 -18.80
C ALA A 691 -30.09 -7.20 -17.61
N GLY A 692 -30.71 -6.03 -17.70
CA GLY A 692 -31.58 -5.57 -16.64
C GLY A 692 -31.22 -4.17 -16.18
N GLU A 693 -31.86 -3.74 -15.09
CA GLU A 693 -31.69 -2.40 -14.58
C GLU A 693 -30.54 -2.33 -13.55
N TYR A 694 -29.65 -1.36 -13.75
CA TYR A 694 -28.50 -1.12 -12.88
C TYR A 694 -28.65 0.21 -12.16
N GLU A 695 -28.20 0.28 -10.91
CA GLU A 695 -28.22 1.54 -10.19
C GLU A 695 -26.84 2.18 -10.10
N VAL A 696 -26.79 3.48 -10.39
CA VAL A 696 -25.60 4.27 -10.20
C VAL A 696 -25.71 4.96 -8.85
N ARG A 697 -24.71 4.75 -8.01
CA ARG A 697 -24.70 5.33 -6.68
C ARG A 697 -23.44 6.19 -6.49
N VAL A 698 -23.59 7.50 -6.62
CA VAL A 698 -22.46 8.41 -6.46
C VAL A 698 -22.38 8.84 -5.01
N GLY A 699 -21.31 8.46 -4.33
CA GLY A 699 -21.21 8.68 -2.90
C GLY A 699 -20.05 9.54 -2.44
N ALA A 700 -20.22 10.16 -1.27
CA ALA A 700 -19.10 10.77 -0.56
C ALA A 700 -18.40 9.69 0.27
N SER A 701 -19.06 8.55 0.40
CA SER A 701 -18.48 7.32 0.95
C SER A 701 -19.36 6.16 0.46
N SER A 702 -19.01 4.94 0.81
CA SER A 702 -19.80 3.79 0.38
C SER A 702 -21.21 3.78 0.98
N ARG A 703 -21.42 4.55 2.05
CA ARG A 703 -22.73 4.58 2.71
C ARG A 703 -23.38 5.96 2.66
N ASN A 704 -22.62 6.96 2.20
CA ASN A 704 -23.16 8.31 2.07
C ASN A 704 -23.40 8.64 0.60
N ILE A 705 -24.49 8.10 0.05
CA ILE A 705 -24.82 8.25 -1.37
C ILE A 705 -25.59 9.55 -1.62
N LYS A 706 -24.99 10.41 -2.44
CA LYS A 706 -25.52 11.75 -2.65
C LYS A 706 -26.38 11.80 -3.91
N LEU A 707 -26.11 10.89 -4.83
CA LEU A 707 -26.84 10.87 -6.09
C LEU A 707 -27.10 9.44 -6.56
N LYS A 708 -28.30 9.23 -7.10
CA LYS A 708 -28.69 7.93 -7.63
C LYS A 708 -29.35 8.07 -8.99
N GLY A 709 -28.95 7.22 -9.92
CA GLY A 709 -29.62 7.13 -11.20
C GLY A 709 -29.64 5.67 -11.64
N THR A 710 -30.49 5.35 -12.61
CA THR A 710 -30.49 4.01 -13.17
C THR A 710 -30.13 4.04 -14.65
N PHE A 711 -29.69 2.90 -15.15
CA PHE A 711 -29.58 2.69 -16.59
C PHE A 711 -29.89 1.23 -16.84
N SER A 712 -30.08 0.88 -18.09
CA SER A 712 -30.49 -0.47 -18.43
C SER A 712 -29.56 -1.10 -19.46
N VAL A 713 -29.24 -2.37 -19.25
CA VAL A 713 -28.56 -3.15 -20.26
C VAL A 713 -29.59 -4.01 -20.98
N GLY A 714 -29.70 -3.82 -22.29
CA GLY A 714 -30.72 -4.51 -23.07
C GLY A 714 -30.38 -5.94 -23.39
N GLU A 715 -29.16 -6.17 -23.85
CA GLU A 715 -28.70 -7.51 -24.18
C GLU A 715 -27.52 -7.92 -23.30
N GLU A 716 -27.63 -9.12 -22.73
CA GLU A 716 -26.55 -9.69 -21.95
C GLU A 716 -25.26 -9.73 -22.76
N ARG A 717 -24.13 -9.66 -22.06
CA ARG A 717 -22.83 -9.71 -22.71
C ARG A 717 -21.95 -10.72 -21.99
N ARG A 718 -21.17 -11.49 -22.74
CA ARG A 718 -20.34 -12.54 -22.15
C ARG A 718 -18.90 -12.45 -22.63
N PHE A 719 -17.94 -12.78 -21.76
CA PHE A 719 -16.52 -12.74 -22.11
C PHE A 719 -15.77 -13.93 -21.51
N LYS A 720 -15.36 -14.86 -22.35
CA LYS A 720 -14.54 -15.99 -21.89
C LYS A 720 -13.07 -15.66 -22.11
N PRO A 721 -12.29 -15.60 -21.02
CA PRO A 721 -10.88 -15.18 -21.11
C PRO A 721 -10.02 -16.19 -21.90
#